data_5T1T
#
_entry.id   5T1T
#
_cell.length_a   143.000
_cell.length_b   139.560
_cell.length_c   87.340
_cell.angle_alpha   90.00
_cell.angle_beta   124.45
_cell.angle_gamma   90.00
#
_symmetry.space_group_name_H-M   'C 1 2 1'
#
loop_
_entity.id
_entity.type
_entity.pdbx_description
1 polymer 'Interleukin-1 receptor-associated kinase 4'
2 non-polymer ~{N},~{N}-dimethyl-4-(6-nitroquinazolin-4-yl)oxy-cyclohexan-1-amine
3 water water
#
_entity_poly.entity_id   1
_entity_poly.type   'polypeptide(L)'
_entity_poly.pdbx_seq_one_letter_code
;VSDTRFHSFSFYELKNVTNNFDERPISVGGNKMGEGGFGVVYKGYVNNTTVAVKKLAAMVDITTEELKQQFDQEIKVMAK
CQHENLVELLGFSSDGDDLCLVYVYMPNGSLLDRLSCLDGTPPLSWHMRCKIAQGAANGINFLHENHHIHRDIKSANILL
DEAFTAKISDFGLARASEKFAQ(TPO)VM(TPO)(SEP)RIVGTTAYMAPEALRGEITPKSDIYSFGVVLLEIITGLPAV
DEHREPQLLLDIKEEIEDEEKTIEDYIDKKMNDADSTSVEAMYSVASQCLHEKKNKRPDIKKVQQLLQEMTAS
;
_entity_poly.pdbx_strand_id   A,B,C,D
#
loop_
_chem_comp.id
_chem_comp.type
_chem_comp.name
_chem_comp.formula
76P non-polymer ~{N},~{N}-dimethyl-4-(6-nitroquinazolin-4-yl)oxy-cyclohexan-1-amine 'C16 H20 N4 O3'
#
# COMPACT_ATOMS: atom_id res chain seq x y z
N THR A 4 40.59 1.47 -24.90
CA THR A 4 39.40 2.29 -25.09
C THR A 4 39.64 3.77 -24.74
N ARG A 5 39.10 4.65 -25.60
CA ARG A 5 39.28 6.10 -25.52
C ARG A 5 37.96 6.80 -25.08
N PHE A 6 38.06 7.87 -24.26
CA PHE A 6 36.90 8.58 -23.73
C PHE A 6 36.73 10.01 -24.24
N HIS A 7 35.49 10.50 -24.14
CA HIS A 7 35.10 11.85 -24.54
C HIS A 7 35.62 12.82 -23.47
N SER A 8 36.31 13.87 -23.91
CA SER A 8 36.83 14.90 -23.00
C SER A 8 35.74 15.97 -22.84
N PHE A 9 35.01 15.95 -21.72
CA PHE A 9 33.93 16.90 -21.47
C PHE A 9 34.50 18.21 -20.97
N SER A 10 33.80 19.32 -21.25
CA SER A 10 34.17 20.64 -20.76
C SER A 10 33.60 20.77 -19.36
N PHE A 11 34.35 21.39 -18.42
CA PHE A 11 33.87 21.63 -17.05
C PHE A 11 32.57 22.44 -17.04
N TYR A 12 32.47 23.44 -17.93
CA TYR A 12 31.29 24.31 -18.04
C TYR A 12 30.08 23.57 -18.57
N GLU A 13 30.29 22.51 -19.40
CA GLU A 13 29.19 21.67 -19.89
C GLU A 13 28.68 20.80 -18.71
N LEU A 14 29.61 20.31 -17.84
CA LEU A 14 29.25 19.49 -16.68
C LEU A 14 28.52 20.32 -15.62
N LYS A 15 28.99 21.57 -15.39
CA LYS A 15 28.37 22.53 -14.47
C LYS A 15 26.94 22.87 -14.93
N ASN A 16 26.74 22.98 -16.25
CA ASN A 16 25.44 23.29 -16.85
C ASN A 16 24.38 22.19 -16.63
N VAL A 17 24.72 20.96 -17.01
CA VAL A 17 23.82 19.77 -16.92
C VAL A 17 23.46 19.32 -15.51
N THR A 18 24.28 19.65 -14.52
CA THR A 18 24.06 19.33 -13.12
C THR A 18 23.50 20.56 -12.38
N ASN A 19 22.90 21.56 -13.11
CA ASN A 19 22.39 22.83 -12.57
C ASN A 19 23.37 23.48 -11.56
N ASN A 20 24.61 23.70 -12.02
CA ASN A 20 25.69 24.32 -11.27
C ASN A 20 26.11 23.54 -10.04
N PHE A 21 26.18 22.19 -10.16
CA PHE A 21 26.59 21.30 -9.06
C PHE A 21 25.83 21.68 -7.79
N ASP A 22 24.51 21.65 -7.86
CA ASP A 22 23.64 22.03 -6.75
C ASP A 22 23.76 21.06 -5.56
N GLU A 23 24.14 21.59 -4.36
CA GLU A 23 24.34 20.80 -3.14
C GLU A 23 23.02 20.28 -2.54
N ARG A 24 21.86 20.76 -2.99
CA ARG A 24 20.56 20.32 -2.45
C ARG A 24 20.20 18.89 -2.95
N PRO A 25 19.32 18.13 -2.24
CA PRO A 25 18.91 16.79 -2.68
C PRO A 25 18.07 16.76 -3.96
N ILE A 26 17.71 15.56 -4.42
CA ILE A 26 16.92 15.39 -5.65
C ILE A 26 15.45 15.76 -5.38
N SER A 27 14.87 15.25 -4.27
CA SER A 27 13.47 15.48 -3.88
C SER A 27 13.12 16.97 -3.75
N VAL A 28 13.95 17.72 -3.01
CA VAL A 28 13.76 19.16 -2.80
C VAL A 28 13.88 19.96 -4.11
N GLY A 29 14.73 19.51 -5.07
CA GLY A 29 14.90 20.21 -6.36
C GLY A 29 16.34 20.23 -6.93
N GLY A 30 17.37 19.98 -6.09
CA GLY A 30 18.77 19.99 -6.54
C GLY A 30 19.17 18.74 -7.36
N ASN A 31 20.49 18.51 -7.46
CA ASN A 31 21.07 17.40 -8.23
C ASN A 31 22.01 16.49 -7.43
N LYS A 32 22.43 16.87 -6.20
CA LYS A 32 23.32 16.05 -5.38
C LYS A 32 22.66 14.73 -5.01
N MET A 33 23.31 13.61 -5.35
CA MET A 33 22.85 12.26 -4.99
C MET A 33 23.36 11.89 -3.63
N GLY A 34 24.38 12.60 -3.18
CA GLY A 34 25.04 12.42 -1.89
C GLY A 34 26.46 12.20 -2.29
N GLU A 35 27.28 11.63 -1.45
CA GLU A 35 28.66 11.41 -1.87
C GLU A 35 29.01 9.96 -2.02
N GLY A 36 29.99 9.69 -2.90
CA GLY A 36 30.38 8.34 -3.26
C GLY A 36 31.87 8.05 -3.37
N GLY A 37 32.76 8.70 -2.58
CA GLY A 37 34.20 8.34 -2.60
C GLY A 37 35.10 9.48 -3.02
N PHE A 38 35.75 10.15 -2.03
CA PHE A 38 36.65 11.29 -2.23
C PHE A 38 36.06 12.29 -3.27
N GLY A 39 34.73 12.37 -3.36
CA GLY A 39 34.03 13.25 -4.28
C GLY A 39 32.52 13.13 -4.10
N VAL A 40 31.78 14.14 -4.55
CA VAL A 40 30.33 14.20 -4.47
C VAL A 40 29.78 13.83 -5.83
N VAL A 41 28.66 13.09 -5.88
CA VAL A 41 28.05 12.60 -7.13
C VAL A 41 26.76 13.38 -7.39
N TYR A 42 26.57 13.79 -8.65
CA TYR A 42 25.44 14.59 -9.10
C TYR A 42 24.75 13.95 -10.26
N LYS A 43 23.42 14.06 -10.31
CA LYS A 43 22.67 13.56 -11.48
C LYS A 43 22.72 14.66 -12.56
N GLY A 44 22.61 14.28 -13.83
CA GLY A 44 22.62 15.24 -14.93
C GLY A 44 22.20 14.60 -16.23
N TYR A 45 21.81 15.41 -17.22
CA TYR A 45 21.37 14.93 -18.53
C TYR A 45 22.26 15.49 -19.65
N VAL A 46 22.99 14.63 -20.38
CA VAL A 46 23.85 15.01 -21.51
C VAL A 46 23.22 14.43 -22.76
N ASN A 47 22.65 15.29 -23.64
CA ASN A 47 22.03 14.85 -24.92
C ASN A 47 20.94 13.78 -24.66
N ASN A 48 19.95 14.10 -23.78
CA ASN A 48 18.86 13.20 -23.35
C ASN A 48 19.33 11.97 -22.51
N THR A 49 20.66 11.68 -22.44
CA THR A 49 21.25 10.55 -21.71
C THR A 49 21.38 10.95 -20.27
N THR A 50 20.93 10.10 -19.35
CA THR A 50 21.08 10.38 -17.93
C THR A 50 22.50 9.92 -17.55
N VAL A 51 23.24 10.78 -16.86
CA VAL A 51 24.61 10.49 -16.45
C VAL A 51 24.78 10.78 -15.00
N ALA A 52 25.84 10.21 -14.43
CA ALA A 52 26.25 10.47 -13.06
C ALA A 52 27.59 11.24 -13.22
N VAL A 53 27.74 12.38 -12.55
CA VAL A 53 28.95 13.20 -12.65
C VAL A 53 29.58 13.25 -11.27
N LYS A 54 30.74 12.63 -11.09
CA LYS A 54 31.45 12.60 -9.81
C LYS A 54 32.45 13.75 -9.81
N LYS A 55 32.17 14.77 -9.02
CA LYS A 55 33.09 15.89 -8.85
C LYS A 55 34.03 15.50 -7.70
N LEU A 56 35.36 15.44 -7.93
CA LEU A 56 36.30 15.04 -6.87
C LEU A 56 36.57 16.17 -5.85
N ALA A 57 36.76 15.78 -4.55
CA ALA A 57 37.03 16.71 -3.43
N THR A 63 45.80 14.98 -0.05
CA THR A 63 46.46 16.03 -0.81
C THR A 63 45.85 16.14 -2.22
N THR A 64 45.94 17.33 -2.83
CA THR A 64 45.42 17.58 -4.18
C THR A 64 46.08 16.64 -5.21
N GLU A 65 47.40 16.41 -5.10
CA GLU A 65 48.11 15.53 -6.04
C GLU A 65 47.66 14.08 -5.88
N GLU A 66 47.44 13.61 -4.63
CA GLU A 66 46.96 12.24 -4.38
C GLU A 66 45.58 12.02 -5.01
N LEU A 67 44.73 13.05 -4.99
CA LEU A 67 43.37 13.02 -5.57
C LEU A 67 43.47 12.98 -7.10
N LYS A 68 44.43 13.70 -7.71
CA LYS A 68 44.64 13.68 -9.16
C LYS A 68 45.19 12.31 -9.57
N GLN A 69 46.01 11.67 -8.70
CA GLN A 69 46.52 10.33 -8.99
C GLN A 69 45.38 9.29 -8.94
N GLN A 70 44.36 9.49 -8.08
CA GLN A 70 43.21 8.56 -8.04
C GLN A 70 42.36 8.75 -9.30
N PHE A 71 42.19 10.02 -9.73
CA PHE A 71 41.49 10.38 -10.97
C PHE A 71 42.12 9.67 -12.18
N ASP A 72 43.46 9.74 -12.29
CA ASP A 72 44.18 9.09 -13.40
C ASP A 72 44.07 7.57 -13.35
N GLN A 73 44.16 6.98 -12.14
CA GLN A 73 44.05 5.53 -11.94
C GLN A 73 42.67 4.99 -12.40
N GLU A 74 41.59 5.73 -12.07
CA GLU A 74 40.21 5.38 -12.48
C GLU A 74 40.13 5.32 -13.99
N ILE A 75 40.58 6.40 -14.66
CA ILE A 75 40.54 6.48 -16.12
C ILE A 75 41.39 5.37 -16.74
N LYS A 76 42.61 5.13 -16.20
CA LYS A 76 43.50 4.08 -16.73
C LYS A 76 42.88 2.70 -16.60
N VAL A 77 42.30 2.40 -15.43
CA VAL A 77 41.66 1.11 -15.19
C VAL A 77 40.44 0.97 -16.09
N MET A 78 39.63 2.02 -16.22
CA MET A 78 38.42 1.99 -17.08
C MET A 78 38.73 1.87 -18.55
N ALA A 79 39.86 2.48 -19.02
CA ALA A 79 40.28 2.35 -20.42
C ALA A 79 40.59 0.90 -20.74
N LYS A 80 41.27 0.21 -19.81
CA LYS A 80 41.62 -1.20 -19.98
C LYS A 80 40.48 -2.17 -19.67
N CYS A 81 39.66 -1.86 -18.65
CA CYS A 81 38.63 -2.76 -18.14
C CYS A 81 37.18 -2.35 -18.44
N GLN A 82 36.56 -3.05 -19.40
CA GLN A 82 35.16 -2.85 -19.79
C GLN A 82 34.48 -4.21 -19.63
N HIS A 83 33.44 -4.28 -18.79
CA HIS A 83 32.75 -5.54 -18.53
C HIS A 83 31.32 -5.25 -18.05
N GLU A 84 30.40 -6.21 -18.27
CA GLU A 84 28.99 -6.11 -17.91
C GLU A 84 28.75 -5.72 -16.42
N ASN A 85 29.68 -6.09 -15.53
CA ASN A 85 29.59 -5.89 -14.09
C ASN A 85 30.56 -4.86 -13.53
N LEU A 86 30.99 -3.90 -14.36
CA LEU A 86 31.79 -2.75 -13.91
C LEU A 86 31.04 -1.53 -14.39
N VAL A 87 31.05 -0.42 -13.62
CA VAL A 87 30.37 0.79 -14.09
C VAL A 87 31.04 1.28 -15.37
N GLU A 88 30.29 1.95 -16.23
CA GLU A 88 30.86 2.45 -17.47
C GLU A 88 31.20 3.94 -17.37
N LEU A 89 32.47 4.25 -17.60
CA LEU A 89 32.93 5.62 -17.67
C LEU A 89 32.59 6.12 -19.08
N LEU A 90 32.07 7.36 -19.19
CA LEU A 90 31.77 7.98 -20.49
C LEU A 90 32.85 8.98 -20.84
N GLY A 91 33.26 9.77 -19.86
CA GLY A 91 34.30 10.75 -20.06
C GLY A 91 34.71 11.39 -18.77
N PHE A 92 35.44 12.49 -18.90
CA PHE A 92 35.93 13.24 -17.76
C PHE A 92 36.25 14.68 -18.15
N SER A 93 36.56 15.47 -17.14
CA SER A 93 36.92 16.86 -17.29
C SER A 93 38.04 17.10 -16.29
N SER A 94 39.25 17.44 -16.77
CA SER A 94 40.37 17.72 -15.87
C SER A 94 40.25 19.19 -15.46
N ASP A 95 40.63 20.12 -16.36
CA ASP A 95 40.55 21.58 -16.18
C ASP A 95 40.80 22.09 -14.73
N GLY A 96 42.08 22.11 -14.31
CA GLY A 96 42.47 22.64 -13.00
C GLY A 96 42.30 21.67 -11.84
N ASP A 97 41.81 22.21 -10.69
CA ASP A 97 41.62 21.44 -9.45
C ASP A 97 40.26 20.75 -9.34
N ASP A 98 39.21 21.19 -10.08
CA ASP A 98 37.90 20.53 -9.99
C ASP A 98 37.76 19.45 -11.07
N LEU A 99 38.18 18.22 -10.69
CA LEU A 99 38.23 17.06 -11.58
C LEU A 99 36.87 16.35 -11.56
N CYS A 100 36.31 16.06 -12.76
CA CYS A 100 35.00 15.39 -12.88
C CYS A 100 35.10 14.12 -13.68
N LEU A 101 34.43 13.05 -13.18
CA LEU A 101 34.33 11.77 -13.86
C LEU A 101 32.86 11.61 -14.23
N VAL A 102 32.56 11.28 -15.49
CA VAL A 102 31.21 11.15 -16.00
C VAL A 102 30.91 9.68 -16.29
N TYR A 103 29.83 9.13 -15.71
CA TYR A 103 29.47 7.73 -15.89
C TYR A 103 28.07 7.54 -16.41
N VAL A 104 27.74 6.31 -16.80
CA VAL A 104 26.36 5.96 -17.14
C VAL A 104 25.63 5.99 -15.79
N TYR A 105 24.47 6.62 -15.74
CA TYR A 105 23.68 6.73 -14.52
C TYR A 105 23.16 5.33 -14.04
N MET A 106 23.30 5.05 -12.76
CA MET A 106 22.87 3.81 -12.10
C MET A 106 21.63 4.18 -11.25
N PRO A 107 20.40 4.01 -11.80
CA PRO A 107 19.18 4.46 -11.09
C PRO A 107 18.86 3.80 -9.74
N ASN A 108 19.45 2.63 -9.43
CA ASN A 108 19.14 1.94 -8.19
C ASN A 108 20.18 2.18 -7.12
N GLY A 109 21.03 3.20 -7.29
CA GLY A 109 22.01 3.59 -6.29
C GLY A 109 22.97 2.48 -5.97
N SER A 110 23.26 2.28 -4.68
CA SER A 110 24.23 1.26 -4.27
C SER A 110 23.54 0.11 -3.55
N LEU A 111 24.27 -1.00 -3.43
CA LEU A 111 23.77 -2.16 -2.72
C LEU A 111 23.58 -1.83 -1.23
N LEU A 112 24.48 -1.02 -0.64
CA LEU A 112 24.37 -0.61 0.78
C LEU A 112 23.03 0.10 1.01
N ASP A 113 22.71 1.05 0.13
CA ASP A 113 21.45 1.79 0.22
C ASP A 113 20.22 0.90 0.07
N ARG A 114 20.27 -0.08 -0.84
CA ARG A 114 19.13 -0.96 -1.09
C ARG A 114 18.98 -1.95 0.02
N LEU A 115 20.10 -2.40 0.66
CA LEU A 115 20.02 -3.32 1.80
C LEU A 115 19.46 -2.61 3.04
N SER A 116 19.62 -1.30 3.15
CA SER A 116 19.08 -0.57 4.30
C SER A 116 17.74 0.12 3.96
N CYS A 117 17.20 -0.08 2.72
CA CYS A 117 15.95 0.49 2.24
C CYS A 117 15.96 2.00 2.37
N LEU A 118 17.11 2.62 2.07
CA LEU A 118 17.26 4.07 2.15
C LEU A 118 16.21 4.79 1.30
N ASP A 119 15.59 5.84 1.87
CA ASP A 119 14.54 6.66 1.22
C ASP A 119 13.23 5.90 0.93
N GLY A 120 12.98 4.78 1.60
CA GLY A 120 11.71 4.06 1.43
C GLY A 120 11.65 3.04 0.33
N THR A 121 12.79 2.66 -0.27
CA THR A 121 12.76 1.66 -1.36
C THR A 121 12.40 0.30 -0.79
N PRO A 122 11.73 -0.59 -1.57
CA PRO A 122 11.36 -1.89 -1.03
C PRO A 122 12.58 -2.80 -0.80
N PRO A 123 12.51 -3.73 0.19
CA PRO A 123 13.62 -4.66 0.45
C PRO A 123 13.95 -5.48 -0.80
N LEU A 124 15.22 -5.86 -0.97
CA LEU A 124 15.61 -6.70 -2.10
C LEU A 124 15.21 -8.12 -1.77
N SER A 125 14.66 -8.83 -2.73
CA SER A 125 14.30 -10.23 -2.53
C SER A 125 15.57 -11.09 -2.55
N TRP A 126 15.48 -12.32 -2.01
CA TRP A 126 16.58 -13.27 -2.05
C TRP A 126 16.99 -13.55 -3.51
N HIS A 127 16.00 -13.66 -4.42
CA HIS A 127 16.26 -13.89 -5.84
C HIS A 127 17.15 -12.75 -6.43
N MET A 128 16.79 -11.46 -6.18
CA MET A 128 17.58 -10.30 -6.61
C MET A 128 18.98 -10.35 -5.94
N ARG A 129 19.03 -10.66 -4.64
CA ARG A 129 20.30 -10.77 -3.89
C ARG A 129 21.29 -11.80 -4.46
N CYS A 130 20.79 -12.98 -4.89
CA CYS A 130 21.62 -14.03 -5.53
C CYS A 130 22.20 -13.55 -6.85
N LYS A 131 21.37 -12.88 -7.69
CA LYS A 131 21.83 -12.29 -8.95
C LYS A 131 22.89 -11.21 -8.71
N ILE A 132 22.69 -10.35 -7.69
CA ILE A 132 23.65 -9.28 -7.39
C ILE A 132 24.99 -9.87 -6.93
N ALA A 133 24.95 -10.89 -6.07
CA ALA A 133 26.18 -11.55 -5.56
C ALA A 133 26.95 -12.18 -6.72
N GLN A 134 26.26 -12.86 -7.64
CA GLN A 134 26.89 -13.47 -8.83
C GLN A 134 27.49 -12.42 -9.75
N GLY A 135 26.73 -11.34 -10.03
CA GLY A 135 27.22 -10.25 -10.85
C GLY A 135 28.44 -9.57 -10.24
N ALA A 136 28.42 -9.28 -8.93
CA ALA A 136 29.57 -8.64 -8.29
C ALA A 136 30.83 -9.55 -8.38
N ALA A 137 30.65 -10.88 -8.19
CA ALA A 137 31.74 -11.87 -8.31
C ALA A 137 32.29 -11.93 -9.75
N ASN A 138 31.42 -11.79 -10.78
CA ASN A 138 31.84 -11.74 -12.19
C ASN A 138 32.67 -10.49 -12.45
N GLY A 139 32.31 -9.35 -11.85
CA GLY A 139 33.07 -8.11 -11.99
C GLY A 139 34.46 -8.22 -11.33
N ILE A 140 34.56 -8.77 -10.11
CA ILE A 140 35.85 -8.93 -9.42
C ILE A 140 36.72 -9.94 -10.21
N ASN A 141 36.09 -11.01 -10.78
CA ASN A 141 36.82 -12.00 -11.58
C ASN A 141 37.47 -11.33 -12.77
N PHE A 142 36.72 -10.46 -13.46
CA PHE A 142 37.23 -9.72 -14.60
C PHE A 142 38.43 -8.84 -14.20
N LEU A 143 38.35 -8.18 -13.05
CA LEU A 143 39.48 -7.36 -12.58
C LEU A 143 40.71 -8.21 -12.28
N HIS A 144 40.53 -9.34 -11.58
CA HIS A 144 41.63 -10.25 -11.22
C HIS A 144 42.25 -10.89 -12.47
N GLU A 145 41.41 -11.35 -13.42
CA GLU A 145 41.88 -11.90 -14.71
C GLU A 145 42.74 -10.89 -15.49
N ASN A 146 42.49 -9.58 -15.31
CA ASN A 146 43.25 -8.51 -15.94
C ASN A 146 44.29 -7.92 -14.98
N HIS A 147 44.69 -8.70 -13.95
CA HIS A 147 45.73 -8.35 -13.00
C HIS A 147 45.55 -7.06 -12.25
N HIS A 148 44.31 -6.76 -11.82
CA HIS A 148 43.98 -5.56 -11.06
C HIS A 148 43.43 -5.95 -9.69
N ILE A 149 43.84 -5.22 -8.66
CA ILE A 149 43.39 -5.41 -7.29
C ILE A 149 42.56 -4.16 -7.01
N HIS A 150 41.26 -4.33 -6.67
CA HIS A 150 40.37 -3.20 -6.42
C HIS A 150 40.79 -2.43 -5.16
N ARG A 151 41.00 -3.14 -4.02
CA ARG A 151 41.39 -2.55 -2.71
C ARG A 151 40.27 -1.84 -1.92
N ASP A 152 39.03 -1.76 -2.45
CA ASP A 152 37.95 -1.14 -1.69
C ASP A 152 36.59 -1.77 -2.04
N ILE A 153 36.54 -3.11 -2.03
CA ILE A 153 35.32 -3.86 -2.29
C ILE A 153 34.42 -3.69 -1.05
N LYS A 154 33.21 -3.15 -1.26
CA LYS A 154 32.23 -2.95 -0.22
C LYS A 154 30.89 -2.71 -0.88
N SER A 155 29.78 -2.88 -0.16
CA SER A 155 28.45 -2.74 -0.74
C SER A 155 28.16 -1.29 -1.24
N ALA A 156 28.81 -0.26 -0.69
CA ALA A 156 28.64 1.12 -1.22
C ALA A 156 29.28 1.23 -2.62
N ASN A 157 30.28 0.35 -2.97
CA ASN A 157 30.95 0.32 -4.28
C ASN A 157 30.37 -0.73 -5.22
N ILE A 158 29.12 -1.20 -4.95
CA ILE A 158 28.45 -2.12 -5.84
C ILE A 158 27.20 -1.38 -6.23
N LEU A 159 27.19 -0.84 -7.44
CA LEU A 159 26.04 -0.08 -7.92
C LEU A 159 25.08 -0.97 -8.65
N LEU A 160 23.84 -0.50 -8.74
CA LEU A 160 22.72 -1.24 -9.30
C LEU A 160 22.07 -0.45 -10.42
N ASP A 161 21.97 -1.05 -11.60
CA ASP A 161 21.41 -0.39 -12.77
C ASP A 161 19.87 -0.57 -12.83
N GLU A 162 19.28 -0.19 -13.95
CA GLU A 162 17.84 -0.29 -14.24
C GLU A 162 17.22 -1.68 -14.05
N ALA A 163 18.02 -2.76 -14.15
CA ALA A 163 17.61 -4.15 -13.95
C ALA A 163 18.24 -4.78 -12.68
N PHE A 164 18.83 -3.97 -11.78
CA PHE A 164 19.52 -4.44 -10.56
C PHE A 164 20.73 -5.33 -10.89
N THR A 165 21.39 -5.09 -12.03
CA THR A 165 22.63 -5.80 -12.36
C THR A 165 23.72 -5.14 -11.50
N ALA A 166 24.59 -5.93 -10.85
CA ALA A 166 25.67 -5.40 -10.01
C ALA A 166 26.75 -4.77 -10.89
N LYS A 167 27.21 -3.57 -10.51
CA LYS A 167 28.25 -2.86 -11.24
C LYS A 167 29.29 -2.38 -10.22
N ILE A 168 30.51 -2.95 -10.28
CA ILE A 168 31.61 -2.55 -9.37
C ILE A 168 32.02 -1.11 -9.79
N SER A 169 32.28 -0.26 -8.81
CA SER A 169 32.70 1.12 -9.04
C SER A 169 33.89 1.45 -8.15
N ASP A 170 34.44 2.67 -8.29
CA ASP A 170 35.53 3.21 -7.49
C ASP A 170 36.86 2.46 -7.71
N PHE A 171 37.56 2.81 -8.80
CA PHE A 171 38.86 2.21 -9.16
C PHE A 171 40.04 3.17 -8.93
N GLY A 172 39.85 4.25 -8.16
CA GLY A 172 40.91 5.22 -7.88
C GLY A 172 42.10 4.63 -7.08
N LEU A 173 41.83 3.66 -6.17
CA LEU A 173 42.85 2.99 -5.36
C LEU A 173 43.29 1.66 -5.96
N ALA A 174 42.81 1.30 -7.16
CA ALA A 174 43.16 0.02 -7.76
C ALA A 174 44.66 -0.06 -8.12
N ARG A 175 45.22 -1.28 -8.08
CA ARG A 175 46.63 -1.54 -8.38
C ARG A 175 46.78 -2.71 -9.32
N ALA A 176 47.75 -2.63 -10.25
CA ALA A 176 48.04 -3.73 -11.16
C ALA A 176 48.98 -4.75 -10.51
N TPO A 183 52.96 -10.62 -3.58
CA TPO A 183 52.52 -9.76 -2.48
CB TPO A 183 52.00 -10.46 -1.20
CG2 TPO A 183 51.33 -9.47 -0.22
OG1 TPO A 183 51.05 -11.44 -1.60
P TPO A 183 51.53 -12.89 -1.31
O1P TPO A 183 52.42 -13.42 -2.44
O2P TPO A 183 50.24 -13.72 -1.21
O3P TPO A 183 52.32 -13.05 -0.01
C TPO A 183 53.50 -8.60 -2.22
O TPO A 183 54.65 -8.81 -1.85
N VAL A 184 52.99 -7.39 -2.40
CA VAL A 184 53.70 -6.11 -2.26
C VAL A 184 53.25 -5.44 -0.96
N MET A 185 54.02 -4.48 -0.45
CA MET A 185 53.66 -3.70 0.74
C MET A 185 53.54 -2.23 0.39
N TPO A 186 52.82 -1.48 1.22
CA TPO A 186 52.62 -0.04 1.01
CB TPO A 186 51.30 0.30 0.23
CG2 TPO A 186 50.08 -0.14 1.07
OG1 TPO A 186 51.18 1.75 0.03
P TPO A 186 51.85 2.33 -1.26
O1P TPO A 186 53.20 2.93 -0.84
O2P TPO A 186 50.94 3.47 -1.76
O3P TPO A 186 52.04 1.33 -2.40
C TPO A 186 52.70 0.74 2.32
O TPO A 186 52.41 0.20 3.39
N SEP A 187 53.07 2.03 2.24
CA SEP A 187 53.16 2.89 3.41
CB SEP A 187 54.37 3.80 3.39
OG SEP A 187 54.66 4.30 2.07
C SEP A 187 51.85 3.64 3.63
O SEP A 187 51.61 4.12 4.74
P SEP A 187 55.90 5.27 2.14
O1P SEP A 187 55.97 5.96 0.76
O2P SEP A 187 57.19 4.43 2.44
O3P SEP A 187 55.73 6.35 3.27
N ARG A 188 51.03 3.76 2.57
CA ARG A 188 49.72 4.42 2.63
C ARG A 188 48.60 3.33 2.65
N ILE A 189 48.12 2.99 3.85
CA ILE A 189 47.05 2.00 4.05
C ILE A 189 45.72 2.66 3.74
N VAL A 190 44.99 2.12 2.73
CA VAL A 190 43.70 2.65 2.28
C VAL A 190 42.64 1.56 2.20
N GLY A 191 41.37 1.98 2.23
CA GLY A 191 40.22 1.07 2.19
C GLY A 191 39.28 1.41 3.35
N THR A 192 38.28 0.54 3.58
CA THR A 192 37.28 0.74 4.63
C THR A 192 37.47 -0.36 5.65
N THR A 193 37.88 0.04 6.85
CA THR A 193 38.25 -0.82 7.96
C THR A 193 37.38 -2.04 8.18
N ALA A 194 36.04 -1.84 8.22
CA ALA A 194 35.08 -2.91 8.50
C ALA A 194 35.03 -4.02 7.44
N TYR A 195 35.56 -3.77 6.23
CA TYR A 195 35.65 -4.73 5.12
C TYR A 195 37.07 -5.25 4.90
N MET A 196 38.09 -4.64 5.53
CA MET A 196 39.47 -5.00 5.23
C MET A 196 39.97 -6.28 5.84
N ALA A 197 40.73 -7.05 5.04
CA ALA A 197 41.43 -8.26 5.48
C ALA A 197 42.51 -7.84 6.50
N PRO A 198 42.85 -8.71 7.47
CA PRO A 198 43.91 -8.37 8.43
C PRO A 198 45.25 -7.95 7.76
N GLU A 199 45.68 -8.64 6.69
CA GLU A 199 46.93 -8.27 6.01
C GLU A 199 46.85 -6.91 5.30
N ALA A 200 45.65 -6.52 4.76
CA ALA A 200 45.47 -5.22 4.11
C ALA A 200 45.57 -4.10 5.17
N LEU A 201 45.11 -4.38 6.39
CA LEU A 201 45.23 -3.40 7.48
C LEU A 201 46.70 -3.21 7.92
N ARG A 202 47.59 -4.17 7.56
CA ARG A 202 49.00 -4.10 7.86
C ARG A 202 49.85 -3.58 6.68
N GLY A 203 49.23 -3.14 5.56
CA GLY A 203 49.97 -2.58 4.43
C GLY A 203 50.18 -3.52 3.25
N GLU A 204 49.82 -4.82 3.35
CA GLU A 204 50.00 -5.73 2.21
C GLU A 204 49.01 -5.42 1.09
N ILE A 205 49.43 -5.68 -0.17
CA ILE A 205 48.62 -5.48 -1.37
C ILE A 205 48.57 -6.81 -2.09
N THR A 206 47.38 -7.43 -2.17
CA THR A 206 47.19 -8.74 -2.80
C THR A 206 45.71 -8.91 -3.21
N PRO A 207 45.43 -9.69 -4.30
CA PRO A 207 44.02 -9.92 -4.69
C PRO A 207 43.25 -10.71 -3.62
N LYS A 208 43.95 -11.42 -2.71
CA LYS A 208 43.32 -12.18 -1.63
C LYS A 208 42.56 -11.28 -0.66
N SER A 209 42.94 -9.99 -0.55
CA SER A 209 42.24 -9.04 0.30
C SER A 209 40.87 -8.68 -0.31
N ASP A 210 40.73 -8.69 -1.66
CA ASP A 210 39.45 -8.40 -2.35
C ASP A 210 38.45 -9.53 -2.05
N ILE A 211 38.94 -10.79 -1.96
CA ILE A 211 38.12 -11.97 -1.66
C ILE A 211 37.55 -11.82 -0.24
N TYR A 212 38.38 -11.43 0.72
CA TYR A 212 37.97 -11.24 2.12
C TYR A 212 36.85 -10.20 2.24
N SER A 213 37.04 -9.05 1.60
CA SER A 213 36.08 -7.93 1.61
C SER A 213 34.78 -8.37 0.93
N PHE A 214 34.87 -9.18 -0.14
CA PHE A 214 33.68 -9.69 -0.80
C PHE A 214 32.89 -10.63 0.15
N GLY A 215 33.60 -11.37 1.04
CA GLY A 215 33.00 -12.25 2.04
C GLY A 215 32.19 -11.41 3.03
N VAL A 216 32.67 -10.20 3.38
CA VAL A 216 31.92 -9.29 4.26
C VAL A 216 30.65 -8.81 3.51
N VAL A 217 30.76 -8.48 2.21
CA VAL A 217 29.61 -8.06 1.37
C VAL A 217 28.55 -9.19 1.34
N LEU A 218 28.97 -10.46 1.21
CA LEU A 218 28.05 -11.59 1.19
C LEU A 218 27.29 -11.69 2.52
N LEU A 219 27.93 -11.34 3.68
CA LEU A 219 27.25 -11.34 4.97
C LEU A 219 26.26 -10.22 5.07
N GLU A 220 26.53 -9.05 4.45
CA GLU A 220 25.58 -7.93 4.45
C GLU A 220 24.34 -8.34 3.61
N ILE A 221 24.57 -9.07 2.49
CA ILE A 221 23.49 -9.53 1.61
C ILE A 221 22.57 -10.50 2.36
N ILE A 222 23.15 -11.48 3.08
CA ILE A 222 22.36 -12.47 3.83
C ILE A 222 21.53 -11.84 4.96
N THR A 223 22.18 -10.98 5.73
CA THR A 223 21.64 -10.39 6.96
C THR A 223 20.94 -9.07 6.83
N GLY A 224 21.27 -8.27 5.80
CA GLY A 224 20.75 -6.91 5.65
C GLY A 224 21.46 -5.95 6.63
N LEU A 225 22.48 -6.38 7.37
CA LEU A 225 23.15 -5.56 8.39
C LEU A 225 24.39 -4.92 7.79
N PRO A 226 24.66 -3.63 8.08
CA PRO A 226 25.90 -3.01 7.53
C PRO A 226 27.17 -3.61 8.21
N ALA A 227 28.32 -3.55 7.52
CA ALA A 227 29.60 -4.08 8.01
C ALA A 227 29.98 -3.55 9.40
N VAL A 228 29.67 -2.28 9.65
CA VAL A 228 29.90 -1.67 10.94
C VAL A 228 28.64 -0.87 11.35
N ASP A 229 28.25 -1.00 12.59
CA ASP A 229 27.14 -0.24 13.17
C ASP A 229 27.60 0.10 14.58
N GLU A 230 27.81 1.40 14.85
CA GLU A 230 28.28 1.85 16.16
C GLU A 230 27.30 1.51 17.31
N HIS A 231 25.98 1.48 17.02
CA HIS A 231 24.93 1.16 18.00
C HIS A 231 24.47 -0.31 17.87
N ARG A 232 25.42 -1.28 17.82
CA ARG A 232 25.12 -2.70 17.66
C ARG A 232 26.13 -3.57 18.42
N GLU A 233 25.77 -4.84 18.69
CA GLU A 233 26.62 -5.82 19.36
C GLU A 233 26.53 -7.13 18.59
N PRO A 234 27.63 -7.57 17.91
CA PRO A 234 28.95 -6.93 17.74
C PRO A 234 28.81 -5.74 16.80
N GLN A 235 29.62 -4.69 17.01
CA GLN A 235 29.59 -3.53 16.11
C GLN A 235 30.10 -3.92 14.71
N LEU A 236 30.99 -4.93 14.61
CA LEU A 236 31.54 -5.41 13.33
C LEU A 236 30.89 -6.70 12.90
N LEU A 237 30.35 -6.71 11.66
CA LEU A 237 29.64 -7.85 11.08
C LEU A 237 30.51 -9.12 11.01
N LEU A 238 31.80 -8.98 10.65
CA LEU A 238 32.70 -10.14 10.56
C LEU A 238 32.79 -10.98 11.89
N ASP A 239 32.47 -10.39 13.08
CA ASP A 239 32.44 -11.15 14.35
C ASP A 239 31.32 -12.22 14.41
N ILE A 240 30.29 -12.09 13.54
CA ILE A 240 29.20 -13.07 13.47
C ILE A 240 29.68 -14.43 12.94
N LYS A 241 30.77 -14.45 12.16
CA LYS A 241 31.35 -15.71 11.69
C LYS A 241 31.84 -16.56 12.90
N GLU A 242 32.34 -15.90 13.97
CA GLU A 242 32.86 -16.56 15.16
C GLU A 242 31.70 -17.06 16.03
N GLU A 243 30.66 -16.22 16.19
CA GLU A 243 29.44 -16.59 16.96
C GLU A 243 28.77 -17.84 16.39
N ILE A 244 28.75 -17.97 15.07
CA ILE A 244 28.17 -19.13 14.39
C ILE A 244 29.12 -20.35 14.49
N GLU A 245 30.44 -20.15 14.27
CA GLU A 245 31.42 -21.24 14.33
C GLU A 245 31.55 -21.87 15.74
N ASP A 246 31.35 -21.08 16.81
CA ASP A 246 31.38 -21.58 18.18
C ASP A 246 30.02 -22.24 18.59
N GLU A 247 29.07 -22.39 17.63
CA GLU A 247 27.75 -22.99 17.81
C GLU A 247 26.87 -22.29 18.88
N GLU A 248 27.14 -20.99 19.13
CA GLU A 248 26.31 -20.20 20.04
C GLU A 248 25.00 -19.91 19.27
N LYS A 249 25.14 -19.56 17.97
CA LYS A 249 24.05 -19.26 17.05
C LYS A 249 24.28 -20.02 15.72
N THR A 250 23.38 -19.83 14.74
CA THR A 250 23.45 -20.40 13.40
C THR A 250 23.16 -19.26 12.39
N ILE A 251 23.48 -19.49 11.08
CA ILE A 251 23.24 -18.45 10.07
C ILE A 251 21.73 -18.12 9.91
N GLU A 252 20.84 -19.12 10.18
CA GLU A 252 19.39 -18.91 10.16
C GLU A 252 18.92 -17.87 11.19
N ASP A 253 19.65 -17.68 12.29
CA ASP A 253 19.31 -16.67 13.31
C ASP A 253 19.65 -15.24 12.84
N TYR A 254 20.48 -15.10 11.79
CA TYR A 254 20.92 -13.81 11.26
C TYR A 254 20.31 -13.44 9.90
N ILE A 255 19.55 -14.34 9.24
CA ILE A 255 18.92 -14.08 7.93
C ILE A 255 18.08 -12.83 8.00
N ASP A 256 18.20 -11.96 7.00
CA ASP A 256 17.42 -10.73 6.92
C ASP A 256 15.91 -11.08 6.98
N LYS A 257 15.18 -10.54 7.97
CA LYS A 257 13.75 -10.80 8.08
C LYS A 257 12.94 -10.01 7.06
N LYS A 258 13.59 -9.06 6.30
CA LYS A 258 12.91 -8.29 5.25
C LYS A 258 12.82 -9.04 3.89
N MET A 259 12.79 -10.38 3.92
CA MET A 259 12.66 -11.24 2.74
C MET A 259 11.56 -12.25 3.01
N ASN A 260 10.84 -12.68 1.98
CA ASN A 260 9.85 -13.76 2.09
C ASN A 260 10.24 -15.00 1.23
N ASP A 261 11.24 -14.88 0.34
CA ASP A 261 11.63 -15.92 -0.63
C ASP A 261 12.99 -16.57 -0.38
N ALA A 262 13.57 -16.41 0.82
CA ALA A 262 14.88 -17.01 1.12
C ALA A 262 14.73 -18.43 1.64
N ASP A 263 15.26 -19.44 0.92
CA ASP A 263 15.26 -20.81 1.44
C ASP A 263 16.60 -21.04 2.19
N SER A 264 16.56 -21.78 3.30
CA SER A 264 17.74 -22.04 4.13
C SER A 264 18.87 -22.80 3.42
N THR A 265 18.56 -23.61 2.41
CA THR A 265 19.59 -24.33 1.65
C THR A 265 20.49 -23.35 0.87
N SER A 266 19.92 -22.46 0.03
CA SER A 266 20.76 -21.50 -0.73
C SER A 266 21.39 -20.45 0.18
N VAL A 267 20.72 -20.05 1.26
CA VAL A 267 21.32 -19.12 2.23
C VAL A 267 22.59 -19.75 2.83
N GLU A 268 22.48 -21.03 3.26
CA GLU A 268 23.63 -21.75 3.83
C GLU A 268 24.71 -21.95 2.79
N ALA A 269 24.34 -22.12 1.51
CA ALA A 269 25.30 -22.22 0.42
C ALA A 269 26.01 -20.86 0.25
N MET A 270 25.28 -19.71 0.31
CA MET A 270 25.95 -18.40 0.21
C MET A 270 26.81 -18.15 1.45
N TYR A 271 26.32 -18.56 2.64
CA TYR A 271 27.09 -18.40 3.89
C TYR A 271 28.40 -19.20 3.84
N SER A 272 28.36 -20.42 3.27
CA SER A 272 29.57 -21.25 3.15
C SER A 272 30.64 -20.52 2.31
N VAL A 273 30.22 -19.86 1.21
CA VAL A 273 31.14 -19.08 0.36
C VAL A 273 31.71 -17.93 1.20
N ALA A 274 30.84 -17.18 1.92
CA ALA A 274 31.29 -16.03 2.72
C ALA A 274 32.29 -16.47 3.81
N SER A 275 31.99 -17.59 4.50
CA SER A 275 32.85 -18.17 5.54
C SER A 275 34.24 -18.50 4.97
N GLN A 276 34.31 -19.13 3.80
CA GLN A 276 35.58 -19.46 3.13
C GLN A 276 36.36 -18.19 2.75
N CYS A 277 35.65 -17.15 2.24
CA CYS A 277 36.24 -15.85 1.88
C CYS A 277 36.85 -15.17 3.08
N LEU A 278 36.23 -15.35 4.26
CA LEU A 278 36.66 -14.72 5.51
C LEU A 278 37.72 -15.49 6.32
N HIS A 279 38.47 -16.39 5.68
CA HIS A 279 39.56 -17.10 6.37
C HIS A 279 40.61 -16.05 6.74
N GLU A 280 41.05 -16.04 8.00
CA GLU A 280 42.05 -15.05 8.44
C GLU A 280 43.42 -15.25 7.77
N LYS A 281 43.74 -16.49 7.33
CA LYS A 281 44.96 -16.79 6.59
C LYS A 281 44.70 -16.57 5.11
N LYS A 282 45.29 -15.52 4.51
CA LYS A 282 45.10 -15.19 3.10
C LYS A 282 45.24 -16.36 2.11
N ASN A 283 46.17 -17.28 2.36
CA ASN A 283 46.42 -18.41 1.46
C ASN A 283 45.35 -19.51 1.52
N LYS A 284 44.57 -19.56 2.60
CA LYS A 284 43.50 -20.54 2.76
C LYS A 284 42.17 -20.10 2.10
N ARG A 285 42.07 -18.84 1.64
CA ARG A 285 40.86 -18.35 0.98
C ARG A 285 40.79 -18.87 -0.45
N PRO A 286 39.56 -19.00 -0.99
CA PRO A 286 39.41 -19.42 -2.39
C PRO A 286 39.79 -18.25 -3.31
N ASP A 287 40.16 -18.54 -4.56
CA ASP A 287 40.43 -17.47 -5.53
C ASP A 287 39.03 -17.04 -6.08
N ILE A 288 38.95 -15.89 -6.73
CA ILE A 288 37.66 -15.39 -7.25
C ILE A 288 36.95 -16.36 -8.21
N LYS A 289 37.70 -17.14 -9.02
CA LYS A 289 37.10 -18.09 -9.96
C LYS A 289 36.34 -19.18 -9.20
N LYS A 290 36.88 -19.63 -8.07
CA LYS A 290 36.21 -20.62 -7.24
C LYS A 290 34.96 -20.00 -6.59
N VAL A 291 35.05 -18.75 -6.11
CA VAL A 291 33.91 -18.04 -5.50
C VAL A 291 32.76 -17.94 -6.51
N GLN A 292 33.11 -17.52 -7.73
CA GLN A 292 32.19 -17.39 -8.87
C GLN A 292 31.54 -18.75 -9.19
N GLN A 293 32.32 -19.85 -9.19
CA GLN A 293 31.79 -21.21 -9.44
C GLN A 293 30.83 -21.62 -8.33
N LEU A 294 31.19 -21.39 -7.07
CA LEU A 294 30.34 -21.75 -5.94
C LEU A 294 29.00 -20.96 -5.94
N LEU A 295 29.03 -19.67 -6.32
CA LEU A 295 27.80 -18.86 -6.36
C LEU A 295 26.89 -19.29 -7.52
N GLN A 296 27.46 -19.83 -8.62
CA GLN A 296 26.64 -20.34 -9.73
C GLN A 296 25.93 -21.64 -9.32
N GLU A 297 26.63 -22.54 -8.59
CA GLU A 297 26.06 -23.81 -8.12
C GLU A 297 24.90 -23.62 -7.16
N MET A 298 24.95 -22.53 -6.37
CA MET A 298 23.91 -22.15 -5.40
C MET A 298 22.52 -21.94 -6.04
N THR A 299 22.46 -21.42 -7.30
CA THR A 299 21.20 -21.19 -8.03
C THR A 299 20.89 -22.29 -9.07
N ALA A 300 21.89 -23.16 -9.42
CA ALA A 300 21.71 -24.25 -10.38
N SER B 2 -24.43 20.44 28.21
CA SER B 2 -23.62 20.22 27.02
C SER B 2 -24.12 19.00 26.24
N ASP B 3 -23.84 17.77 26.73
CA ASP B 3 -24.29 16.52 26.07
C ASP B 3 -25.74 16.15 26.42
N THR B 4 -26.38 16.93 27.33
CA THR B 4 -27.74 16.72 27.83
C THR B 4 -28.72 17.82 27.41
N ARG B 5 -28.26 18.91 26.76
CA ARG B 5 -29.06 20.09 26.43
C ARG B 5 -29.15 20.37 24.92
N PHE B 6 -30.32 20.86 24.46
CA PHE B 6 -30.53 21.35 23.08
C PHE B 6 -30.15 22.84 23.13
N HIS B 7 -29.24 23.30 22.25
CA HIS B 7 -28.73 24.69 22.27
C HIS B 7 -29.37 25.58 21.23
N SER B 8 -29.78 26.81 21.62
CA SER B 8 -30.22 27.81 20.64
C SER B 8 -28.95 28.59 20.29
N PHE B 9 -28.32 28.22 19.17
CA PHE B 9 -27.07 28.84 18.76
C PHE B 9 -27.30 30.19 18.17
N SER B 10 -26.31 31.07 18.37
CA SER B 10 -26.30 32.42 17.80
C SER B 10 -25.80 32.24 16.37
N PHE B 11 -26.34 33.02 15.40
CA PHE B 11 -25.87 32.93 14.02
C PHE B 11 -24.41 33.31 13.92
N TYR B 12 -23.96 34.28 14.75
CA TYR B 12 -22.57 34.71 14.79
C TYR B 12 -21.66 33.59 15.25
N GLU B 13 -22.11 32.78 16.21
CA GLU B 13 -21.30 31.64 16.67
C GLU B 13 -21.18 30.59 15.55
N LEU B 14 -22.27 30.31 14.82
CA LEU B 14 -22.25 29.35 13.72
C LEU B 14 -21.48 29.88 12.54
N LYS B 15 -21.64 31.19 12.23
CA LYS B 15 -20.90 31.87 11.15
C LYS B 15 -19.40 31.82 11.45
N ASN B 16 -19.04 31.92 12.73
CA ASN B 16 -17.66 31.88 13.17
C ASN B 16 -17.07 30.47 13.13
N VAL B 17 -17.71 29.45 13.80
CA VAL B 17 -17.18 28.07 13.85
C VAL B 17 -17.05 27.38 12.46
N THR B 18 -17.75 27.90 11.42
CA THR B 18 -17.67 27.41 10.04
C THR B 18 -16.91 28.43 9.13
N ASN B 19 -15.98 29.25 9.70
CA ASN B 19 -15.17 30.27 9.01
C ASN B 19 -15.96 31.05 7.96
N ASN B 20 -17.01 31.74 8.43
CA ASN B 20 -17.93 32.53 7.59
C ASN B 20 -18.61 31.66 6.52
N PHE B 21 -18.99 30.41 6.90
CA PHE B 21 -19.64 29.46 5.99
C PHE B 21 -18.85 29.34 4.70
N ASP B 22 -17.57 28.93 4.85
CA ASP B 22 -16.59 28.82 3.76
C ASP B 22 -16.96 27.71 2.76
N GLU B 23 -17.38 28.10 1.53
CA GLU B 23 -17.79 27.14 0.49
C GLU B 23 -16.61 26.54 -0.31
N ARG B 24 -15.71 25.82 0.37
CA ARG B 24 -14.54 25.15 -0.22
C ARG B 24 -14.30 23.79 0.45
N PRO B 25 -13.78 22.77 -0.28
CA PRO B 25 -13.53 21.44 0.31
C PRO B 25 -12.65 21.40 1.56
N ILE B 26 -12.74 20.29 2.32
CA ILE B 26 -11.99 20.08 3.56
C ILE B 26 -10.74 19.24 3.24
N SER B 27 -9.87 19.84 2.44
CA SER B 27 -8.59 19.30 1.95
C SER B 27 -7.70 20.49 1.57
N VAL B 28 -8.24 21.40 0.73
CA VAL B 28 -7.64 22.68 0.36
C VAL B 28 -7.50 23.61 1.60
N GLY B 29 -8.41 23.48 2.60
CA GLY B 29 -8.40 24.29 3.83
C GLY B 29 -9.79 24.76 4.30
N GLY B 30 -10.85 24.67 3.45
CA GLY B 30 -12.19 25.15 3.76
C GLY B 30 -13.03 24.28 4.71
N ASN B 31 -14.36 24.52 4.69
CA ASN B 31 -15.32 23.85 5.58
C ASN B 31 -16.53 23.17 4.89
N LYS B 32 -16.79 23.39 3.58
CA LYS B 32 -17.96 22.79 2.93
C LYS B 32 -17.78 21.28 2.75
N MET B 33 -18.74 20.50 3.26
CA MET B 33 -18.73 19.03 3.16
C MET B 33 -19.38 18.56 1.87
N GLY B 34 -20.39 19.28 1.43
CA GLY B 34 -21.13 19.00 0.22
C GLY B 34 -22.50 19.51 0.50
N GLU B 35 -23.52 18.85 -0.01
CA GLU B 35 -24.88 19.31 0.19
C GLU B 35 -25.76 18.26 0.83
N GLY B 36 -26.81 18.75 1.52
CA GLY B 36 -27.83 17.95 2.16
C GLY B 36 -29.05 18.07 1.26
N GLY B 37 -30.25 17.89 1.82
CA GLY B 37 -31.47 17.94 1.03
C GLY B 37 -31.84 19.37 0.61
N PHE B 38 -32.04 20.25 1.60
CA PHE B 38 -32.47 21.63 1.36
C PHE B 38 -31.53 22.58 2.05
N GLY B 39 -30.22 22.42 1.77
CA GLY B 39 -29.18 23.21 2.40
C GLY B 39 -27.80 22.63 2.21
N VAL B 40 -26.78 23.44 2.54
CA VAL B 40 -25.36 23.09 2.44
C VAL B 40 -24.89 22.69 3.85
N VAL B 41 -23.99 21.72 3.94
CA VAL B 41 -23.47 21.24 5.22
C VAL B 41 -22.01 21.62 5.36
N TYR B 42 -21.62 22.14 6.54
CA TYR B 42 -20.25 22.54 6.80
C TYR B 42 -19.73 21.88 8.06
N LYS B 43 -18.44 21.54 8.10
CA LYS B 43 -17.80 21.00 9.30
C LYS B 43 -17.52 22.22 10.21
N GLY B 44 -17.65 22.04 11.53
CA GLY B 44 -17.41 23.10 12.48
C GLY B 44 -16.90 22.53 13.78
N TYR B 45 -16.46 23.41 14.67
CA TYR B 45 -15.93 23.03 15.98
C TYR B 45 -16.53 23.90 17.06
N VAL B 46 -17.29 23.30 17.99
CA VAL B 46 -17.92 24.01 19.09
C VAL B 46 -17.37 23.38 20.40
N ASN B 47 -16.59 24.06 21.27
CA ASN B 47 -16.15 23.47 22.57
C ASN B 47 -15.48 22.03 22.45
N ASN B 48 -14.50 21.87 21.53
CA ASN B 48 -13.79 20.62 21.22
C ASN B 48 -14.65 19.55 20.49
N THR B 49 -15.98 19.76 20.39
CA THR B 49 -16.92 18.87 19.73
C THR B 49 -16.97 19.20 18.25
N THR B 50 -16.69 18.21 17.37
CA THR B 50 -16.83 18.44 15.93
C THR B 50 -18.33 18.34 15.62
N VAL B 51 -18.84 19.30 14.86
CA VAL B 51 -20.26 19.35 14.54
C VAL B 51 -20.44 19.50 13.04
N ALA B 52 -21.68 19.21 12.58
CA ALA B 52 -22.09 19.39 11.19
C ALA B 52 -23.10 20.52 11.27
N VAL B 53 -22.88 21.62 10.54
CA VAL B 53 -23.80 22.75 10.54
C VAL B 53 -24.49 22.77 9.20
N LYS B 54 -25.80 22.57 9.19
CA LYS B 54 -26.56 22.59 7.95
C LYS B 54 -27.19 23.98 7.78
N LYS B 55 -26.75 24.73 6.74
CA LYS B 55 -27.32 26.04 6.41
C LYS B 55 -28.38 25.84 5.32
N LEU B 56 -29.66 26.04 5.67
CA LEU B 56 -30.76 25.83 4.71
C LEU B 56 -30.77 26.88 3.60
N ALA B 57 -31.05 26.44 2.36
CA ALA B 57 -31.08 27.31 1.17
N GLN B 69 -38.51 26.70 5.05
CA GLN B 69 -38.85 27.12 6.41
C GLN B 69 -39.48 26.02 7.25
N GLN B 70 -39.75 24.80 6.68
CA GLN B 70 -40.19 23.63 7.46
C GLN B 70 -38.90 23.14 8.20
N PHE B 71 -38.35 24.07 8.99
CA PHE B 71 -37.13 23.99 9.78
C PHE B 71 -37.51 23.53 11.18
N ASP B 72 -38.68 24.00 11.69
CA ASP B 72 -39.22 23.59 12.99
C ASP B 72 -39.72 22.14 12.90
N GLN B 73 -40.12 21.67 11.67
CA GLN B 73 -40.54 20.29 11.44
C GLN B 73 -39.41 19.37 11.90
N GLU B 74 -38.19 19.65 11.40
CA GLU B 74 -36.99 18.89 11.76
C GLU B 74 -36.67 19.01 13.26
N ILE B 75 -36.81 20.22 13.86
CA ILE B 75 -36.50 20.40 15.30
C ILE B 75 -37.45 19.57 16.17
N LYS B 76 -38.76 19.58 15.86
CA LYS B 76 -39.75 18.84 16.65
C LYS B 76 -39.59 17.31 16.51
N VAL B 77 -39.45 16.80 15.27
CA VAL B 77 -39.26 15.35 15.05
C VAL B 77 -37.99 14.88 15.81
N MET B 78 -36.91 15.69 15.81
CA MET B 78 -35.67 15.35 16.51
C MET B 78 -35.81 15.43 18.03
N ALA B 79 -36.56 16.41 18.52
CA ALA B 79 -36.81 16.52 19.97
C ALA B 79 -37.63 15.30 20.45
N LYS B 80 -38.60 14.85 19.62
CA LYS B 80 -39.42 13.67 19.90
C LYS B 80 -38.67 12.35 19.67
N CYS B 81 -38.14 12.16 18.45
CA CYS B 81 -37.53 10.90 18.00
C CYS B 81 -36.02 10.88 18.24
N GLN B 82 -35.59 10.13 19.27
CA GLN B 82 -34.20 9.90 19.61
C GLN B 82 -33.98 8.42 19.63
N HIS B 83 -32.97 7.98 18.88
CA HIS B 83 -32.71 6.57 18.72
C HIS B 83 -31.30 6.42 18.21
N GLU B 84 -30.68 5.27 18.50
CA GLU B 84 -29.33 4.90 18.08
C GLU B 84 -29.12 5.02 16.55
N ASN B 85 -30.14 4.76 15.74
CA ASN B 85 -30.05 4.77 14.28
C ASN B 85 -30.67 5.98 13.63
N LEU B 86 -30.76 7.10 14.35
CA LEU B 86 -31.17 8.40 13.80
C LEU B 86 -30.07 9.40 14.14
N VAL B 87 -29.76 10.37 13.25
CA VAL B 87 -28.71 11.36 13.60
C VAL B 87 -29.15 12.16 14.81
N GLU B 88 -28.20 12.68 15.58
CA GLU B 88 -28.52 13.48 16.75
C GLU B 88 -28.39 14.98 16.45
N LEU B 89 -29.49 15.72 16.63
CA LEU B 89 -29.48 17.17 16.49
C LEU B 89 -28.94 17.75 17.80
N LEU B 90 -28.00 18.70 17.72
CA LEU B 90 -27.42 19.33 18.91
C LEU B 90 -28.11 20.66 19.23
N GLY B 91 -28.48 21.41 18.21
CA GLY B 91 -29.09 22.69 18.40
C GLY B 91 -29.59 23.26 17.10
N PHE B 92 -29.93 24.56 17.12
CA PHE B 92 -30.50 25.28 15.99
C PHE B 92 -30.17 26.77 16.10
N SER B 93 -30.45 27.54 15.04
CA SER B 93 -30.19 28.97 14.97
C SER B 93 -31.20 29.66 14.04
N SER B 94 -31.95 30.64 14.58
CA SER B 94 -32.97 31.41 13.85
C SER B 94 -32.54 32.87 13.64
N ASP B 95 -32.16 33.56 14.74
CA ASP B 95 -31.74 34.97 14.82
C ASP B 95 -31.07 35.64 13.61
N GLY B 96 -30.23 34.91 12.85
CA GLY B 96 -29.53 35.47 11.69
C GLY B 96 -30.38 35.50 10.41
N ASP B 97 -29.71 35.65 9.26
CA ASP B 97 -30.37 35.70 7.95
C ASP B 97 -30.79 34.29 7.53
N ASP B 98 -29.82 33.37 7.50
CA ASP B 98 -30.05 31.97 7.13
C ASP B 98 -30.37 31.13 8.38
N LEU B 99 -31.21 30.10 8.19
CA LEU B 99 -31.55 29.14 9.25
C LEU B 99 -30.52 28.01 9.25
N CYS B 100 -30.08 27.57 10.44
CA CYS B 100 -29.08 26.50 10.56
C CYS B 100 -29.49 25.43 11.54
N LEU B 101 -29.18 24.16 11.23
CA LEU B 101 -29.38 23.02 12.13
C LEU B 101 -27.99 22.47 12.42
N VAL B 102 -27.71 22.16 13.69
CA VAL B 102 -26.41 21.69 14.16
C VAL B 102 -26.55 20.25 14.61
N TYR B 103 -25.65 19.35 14.17
CA TYR B 103 -25.71 17.93 14.54
C TYR B 103 -24.40 17.42 15.05
N VAL B 104 -24.43 16.22 15.64
CA VAL B 104 -23.22 15.52 16.01
C VAL B 104 -22.62 15.12 14.65
N TYR B 105 -21.33 15.36 14.49
CA TYR B 105 -20.59 15.07 13.25
C TYR B 105 -20.44 13.54 13.06
N MET B 106 -20.78 13.06 11.88
CA MET B 106 -20.71 11.65 11.48
C MET B 106 -19.42 11.52 10.63
N PRO B 107 -18.29 11.07 11.24
CA PRO B 107 -17.01 11.02 10.51
C PRO B 107 -16.93 10.14 9.27
N ASN B 108 -17.87 9.18 9.10
CA ASN B 108 -17.85 8.31 7.91
C ASN B 108 -18.84 8.71 6.86
N GLY B 109 -19.34 9.96 6.89
CA GLY B 109 -20.24 10.51 5.87
C GLY B 109 -21.47 9.68 5.61
N SER B 110 -21.94 9.66 4.33
CA SER B 110 -23.12 8.93 3.90
C SER B 110 -22.77 7.56 3.33
N LEU B 111 -23.76 6.70 3.28
CA LEU B 111 -23.65 5.38 2.69
C LEU B 111 -23.39 5.51 1.19
N LEU B 112 -24.01 6.50 0.51
CA LEU B 112 -23.79 6.74 -0.92
C LEU B 112 -22.29 6.98 -1.20
N ASP B 113 -21.66 7.84 -0.42
CA ASP B 113 -20.22 8.15 -0.55
C ASP B 113 -19.37 6.91 -0.30
N ARG B 114 -19.72 6.13 0.73
CA ARG B 114 -18.94 4.93 1.07
C ARG B 114 -19.10 3.84 0.03
N LEU B 115 -20.28 3.73 -0.61
CA LEU B 115 -20.48 2.76 -1.68
C LEU B 115 -19.73 3.16 -2.95
N SER B 116 -19.47 4.46 -3.15
CA SER B 116 -18.73 4.92 -4.33
C SER B 116 -17.25 5.18 -4.03
N CYS B 117 -16.78 4.87 -2.79
CA CYS B 117 -15.41 5.06 -2.32
C CYS B 117 -14.95 6.48 -2.52
N LEU B 118 -15.85 7.45 -2.26
CA LEU B 118 -15.56 8.87 -2.39
C LEU B 118 -14.32 9.26 -1.55
N ASP B 119 -13.40 10.05 -2.13
CA ASP B 119 -12.17 10.53 -1.48
C ASP B 119 -11.15 9.45 -1.14
N GLY B 120 -11.25 8.25 -1.77
CA GLY B 120 -10.27 7.19 -1.57
C GLY B 120 -10.51 6.27 -0.42
N THR B 121 -11.74 6.25 0.16
CA THR B 121 -12.01 5.35 1.28
C THR B 121 -12.06 3.91 0.74
N PRO B 122 -11.71 2.90 1.57
CA PRO B 122 -11.76 1.53 1.08
C PRO B 122 -13.21 1.04 0.88
N PRO B 123 -13.46 0.10 -0.05
CA PRO B 123 -14.82 -0.43 -0.26
C PRO B 123 -15.38 -1.02 1.05
N LEU B 124 -16.69 -0.93 1.27
CA LEU B 124 -17.30 -1.49 2.47
C LEU B 124 -17.38 -2.99 2.24
N SER B 125 -17.04 -3.76 3.27
CA SER B 125 -17.12 -5.21 3.16
C SER B 125 -18.61 -5.62 3.22
N TRP B 126 -18.92 -6.84 2.79
CA TRP B 126 -20.27 -7.40 2.92
C TRP B 126 -20.71 -7.42 4.39
N HIS B 127 -19.80 -7.77 5.31
CA HIS B 127 -20.07 -7.79 6.75
C HIS B 127 -20.56 -6.41 7.25
N MET B 128 -19.86 -5.33 6.88
CA MET B 128 -20.30 -3.99 7.27
C MET B 128 -21.62 -3.61 6.56
N ARG B 129 -21.75 -3.97 5.27
CA ARG B 129 -23.00 -3.72 4.50
C ARG B 129 -24.23 -4.33 5.16
N CYS B 130 -24.11 -5.57 5.72
CA CYS B 130 -25.20 -6.25 6.45
C CYS B 130 -25.56 -5.50 7.73
N LYS B 131 -24.56 -5.08 8.51
CA LYS B 131 -24.76 -4.28 9.73
C LYS B 131 -25.45 -2.94 9.41
N ILE B 132 -25.01 -2.25 8.33
CA ILE B 132 -25.60 -0.97 7.96
C ILE B 132 -27.07 -1.14 7.54
N ALA B 133 -27.37 -2.19 6.76
CA ALA B 133 -28.75 -2.49 6.31
C ALA B 133 -29.65 -2.73 7.52
N GLN B 134 -29.17 -3.50 8.51
CA GLN B 134 -29.93 -3.79 9.73
C GLN B 134 -30.15 -2.53 10.56
N GLY B 135 -29.10 -1.72 10.74
CA GLY B 135 -29.20 -0.44 11.47
C GLY B 135 -30.16 0.52 10.80
N ALA B 136 -30.09 0.67 9.47
CA ALA B 136 -30.99 1.57 8.77
C ALA B 136 -32.48 1.10 8.94
N ALA B 137 -32.72 -0.23 8.87
CA ALA B 137 -34.05 -0.82 9.08
C ALA B 137 -34.56 -0.56 10.52
N ASN B 138 -33.65 -0.60 11.53
CA ASN B 138 -34.00 -0.31 12.93
C ASN B 138 -34.40 1.15 13.09
N GLY B 139 -33.74 2.08 12.37
CA GLY B 139 -34.07 3.51 12.40
C GLY B 139 -35.44 3.76 11.75
N ILE B 140 -35.73 3.16 10.58
CA ILE B 140 -37.03 3.33 9.90
C ILE B 140 -38.15 2.71 10.80
N ASN B 141 -37.88 1.57 11.47
CA ASN B 141 -38.83 0.91 12.36
C ASN B 141 -39.22 1.86 13.49
N PHE B 142 -38.22 2.54 14.09
CA PHE B 142 -38.43 3.51 15.15
C PHE B 142 -39.31 4.66 14.66
N LEU B 143 -39.09 5.16 13.44
CA LEU B 143 -39.92 6.23 12.90
C LEU B 143 -41.36 5.78 12.68
N HIS B 144 -41.55 4.58 12.11
CA HIS B 144 -42.89 4.02 11.83
C HIS B 144 -43.62 3.72 13.13
N GLU B 145 -42.94 3.12 14.12
CA GLU B 145 -43.51 2.87 15.46
C GLU B 145 -44.02 4.15 16.13
N ASN B 146 -43.38 5.30 15.83
CA ASN B 146 -43.76 6.61 16.34
C ASN B 146 -44.61 7.39 15.34
N HIS B 147 -45.24 6.68 14.38
CA HIS B 147 -46.16 7.22 13.40
C HIS B 147 -45.61 8.34 12.53
N HIS B 148 -44.36 8.20 12.07
CA HIS B 148 -43.71 9.17 11.19
C HIS B 148 -43.34 8.50 9.87
N ILE B 149 -43.55 9.21 8.76
CA ILE B 149 -43.21 8.78 7.42
C ILE B 149 -42.04 9.68 7.03
N HIS B 150 -40.86 9.09 6.71
CA HIS B 150 -39.67 9.86 6.35
C HIS B 150 -39.87 10.59 5.01
N ARG B 151 -40.32 9.89 3.96
CA ARG B 151 -40.55 10.45 2.60
C ARG B 151 -39.28 10.70 1.75
N ASP B 152 -38.08 10.45 2.27
CA ASP B 152 -36.86 10.63 1.45
C ASP B 152 -35.76 9.64 1.87
N ILE B 153 -36.12 8.36 1.99
CA ILE B 153 -35.18 7.30 2.32
C ILE B 153 -34.31 7.08 1.07
N LYS B 154 -32.99 7.23 1.24
CA LYS B 154 -32.01 7.02 0.18
C LYS B 154 -30.65 6.88 0.83
N SER B 155 -29.69 6.32 0.09
CA SER B 155 -28.34 6.09 0.62
C SER B 155 -27.60 7.37 1.03
N ALA B 156 -27.91 8.54 0.41
CA ALA B 156 -27.33 9.84 0.82
C ALA B 156 -27.87 10.27 2.21
N ASN B 157 -29.08 9.78 2.62
CA ASN B 157 -29.68 10.10 3.91
C ASN B 157 -29.43 9.00 4.96
N ILE B 158 -28.45 8.08 4.73
CA ILE B 158 -28.03 7.10 5.72
C ILE B 158 -26.59 7.51 6.05
N LEU B 159 -26.38 8.15 7.19
CA LEU B 159 -25.04 8.58 7.60
C LEU B 159 -24.38 7.52 8.44
N LEU B 160 -23.04 7.63 8.58
CA LEU B 160 -22.26 6.61 9.28
C LEU B 160 -21.35 7.23 10.32
N ASP B 161 -21.47 6.79 11.57
CA ASP B 161 -20.68 7.35 12.67
C ASP B 161 -19.30 6.70 12.77
N GLU B 162 -18.60 6.92 13.89
CA GLU B 162 -17.23 6.41 14.14
C GLU B 162 -17.08 4.87 14.10
N ALA B 163 -18.18 4.11 14.19
CA ALA B 163 -18.20 2.63 14.11
C ALA B 163 -18.99 2.11 12.90
N PHE B 164 -19.33 2.99 11.90
CA PHE B 164 -20.16 2.64 10.73
C PHE B 164 -21.57 2.21 11.13
N THR B 165 -22.09 2.78 12.26
CA THR B 165 -23.48 2.55 12.69
C THR B 165 -24.33 3.43 11.75
N ALA B 166 -25.39 2.85 11.12
CA ALA B 166 -26.27 3.61 10.22
C ALA B 166 -27.07 4.64 11.01
N LYS B 167 -27.15 5.87 10.53
CA LYS B 167 -27.90 6.95 11.18
C LYS B 167 -28.78 7.62 10.11
N ILE B 168 -30.12 7.46 10.21
CA ILE B 168 -31.06 8.09 9.26
C ILE B 168 -31.00 9.61 9.53
N SER B 169 -31.02 10.41 8.46
CA SER B 169 -31.00 11.87 8.55
C SER B 169 -32.06 12.44 7.63
N ASP B 170 -32.22 13.78 7.65
CA ASP B 170 -33.13 14.54 6.78
C ASP B 170 -34.60 14.26 7.10
N PHE B 171 -35.13 14.92 8.14
CA PHE B 171 -36.53 14.79 8.57
C PHE B 171 -37.36 16.04 8.24
N GLY B 172 -36.87 16.94 7.37
CA GLY B 172 -37.60 18.16 6.99
C GLY B 172 -38.92 17.87 6.25
N LEU B 173 -38.98 16.78 5.45
CA LEU B 173 -40.18 16.38 4.70
C LEU B 173 -40.99 15.31 5.42
N ALA B 174 -40.60 14.95 6.65
CA ALA B 174 -41.32 13.90 7.38
C ALA B 174 -42.76 14.31 7.73
N ARG B 175 -43.67 13.33 7.80
CA ARG B 175 -45.09 13.54 8.13
C ARG B 175 -45.56 12.55 9.16
N ALA B 176 -46.44 13.00 10.08
CA ALA B 176 -47.01 12.14 11.11
C ALA B 176 -48.24 11.39 10.55
CA GLN B 182 -54.58 6.27 6.58
C GLN B 182 -53.88 6.98 5.43
N TPO B 183 -54.00 6.42 4.21
CA TPO B 183 -53.36 7.00 3.03
CB TPO B 183 -53.11 6.05 1.83
CG2 TPO B 183 -52.20 6.69 0.76
OG1 TPO B 183 -52.48 4.86 2.33
P TPO B 183 -53.39 3.61 2.20
O1P TPO B 183 -52.42 2.43 2.17
O2P TPO B 183 -54.24 3.57 0.90
O3P TPO B 183 -54.34 3.51 3.41
C TPO B 183 -53.95 8.34 2.63
O TPO B 183 -55.11 8.44 2.26
N VAL B 184 -53.13 9.38 2.72
CA VAL B 184 -53.51 10.75 2.38
C VAL B 184 -52.78 11.18 1.10
N MET B 185 -53.25 12.25 0.48
CA MET B 185 -52.70 12.77 -0.78
C MET B 185 -52.12 14.16 -0.57
N TPO B 186 -51.22 14.57 -1.46
CA TPO B 186 -50.59 15.89 -1.40
CB TPO B 186 -49.21 15.88 -0.65
CG2 TPO B 186 -48.20 15.03 -1.44
OG1 TPO B 186 -48.66 17.24 -0.59
P TPO B 186 -49.06 18.13 0.63
O1P TPO B 186 -47.84 18.98 1.01
O2P TPO B 186 -50.17 19.07 0.14
O3P TPO B 186 -49.53 17.33 1.87
C TPO B 186 -50.47 16.53 -2.78
O TPO B 186 -50.39 15.82 -3.80
N SEP B 187 -50.44 17.86 -2.83
CA SEP B 187 -50.29 18.59 -4.09
CB SEP B 187 -51.17 19.84 -4.15
OG SEP B 187 -51.23 20.53 -2.88
C SEP B 187 -48.82 18.89 -4.36
O SEP B 187 -48.45 19.18 -5.50
P SEP B 187 -52.14 21.81 -3.01
O1P SEP B 187 -51.60 22.70 -4.16
O2P SEP B 187 -52.04 22.59 -1.69
O3P SEP B 187 -53.61 21.37 -3.27
N ARG B 188 -47.98 18.80 -3.32
CA ARG B 188 -46.53 19.04 -3.37
C ARG B 188 -45.80 17.67 -3.30
N ILE B 189 -45.46 17.11 -4.48
CA ILE B 189 -44.75 15.82 -4.58
C ILE B 189 -43.27 16.08 -4.32
N VAL B 190 -42.71 15.45 -3.27
CA VAL B 190 -41.31 15.60 -2.86
C VAL B 190 -40.63 14.25 -2.67
N GLY B 191 -39.30 14.25 -2.75
CA GLY B 191 -38.47 13.05 -2.62
C GLY B 191 -37.49 12.98 -3.80
N THR B 192 -36.81 11.84 -3.94
CA THR B 192 -35.82 11.63 -5.00
C THR B 192 -36.37 10.55 -5.91
N THR B 193 -36.67 10.94 -7.14
CA THR B 193 -37.32 10.13 -8.17
C THR B 193 -36.86 8.70 -8.26
N ALA B 194 -35.52 8.48 -8.33
CA ALA B 194 -34.92 7.15 -8.50
C ALA B 194 -35.20 6.18 -7.35
N TYR B 195 -35.60 6.70 -6.16
CA TYR B 195 -35.95 5.90 -4.97
C TYR B 195 -37.46 5.86 -4.71
N MET B 196 -38.26 6.68 -5.39
CA MET B 196 -39.68 6.79 -5.06
C MET B 196 -40.57 5.67 -5.56
N ALA B 197 -41.50 5.25 -4.68
CA ALA B 197 -42.56 4.27 -5.00
C ALA B 197 -43.48 4.90 -6.06
N PRO B 198 -44.10 4.09 -6.93
CA PRO B 198 -45.01 4.65 -7.94
C PRO B 198 -46.15 5.52 -7.31
N GLU B 199 -46.75 5.09 -6.19
CA GLU B 199 -47.79 5.88 -5.55
C GLU B 199 -47.29 7.21 -4.97
N ALA B 200 -46.03 7.27 -4.46
CA ALA B 200 -45.45 8.51 -3.93
C ALA B 200 -45.21 9.50 -5.09
N LEU B 201 -44.91 8.98 -6.29
CA LEU B 201 -44.74 9.85 -7.48
C LEU B 201 -46.10 10.42 -7.93
N ARG B 202 -47.22 9.83 -7.50
CA ARG B 202 -48.57 10.29 -7.80
C ARG B 202 -49.19 11.14 -6.67
N GLY B 203 -48.43 11.49 -5.60
CA GLY B 203 -48.94 12.36 -4.54
C GLY B 203 -49.39 11.64 -3.27
N GLU B 204 -49.45 10.29 -3.24
CA GLU B 204 -49.86 9.59 -2.02
C GLU B 204 -48.81 9.70 -0.94
N ILE B 205 -49.24 9.69 0.34
CA ILE B 205 -48.36 9.74 1.52
C ILE B 205 -48.70 8.53 2.38
N THR B 206 -47.76 7.59 2.50
CA THR B 206 -47.96 6.36 3.26
C THR B 206 -46.60 5.79 3.70
N PRO B 207 -46.53 5.06 4.86
CA PRO B 207 -45.26 4.45 5.28
C PRO B 207 -44.77 3.37 4.28
N LYS B 208 -45.70 2.82 3.46
CA LYS B 208 -45.36 1.80 2.45
C LYS B 208 -44.37 2.33 1.40
N SER B 209 -44.35 3.66 1.17
CA SER B 209 -43.42 4.26 0.23
C SER B 209 -41.98 4.25 0.81
N ASP B 210 -41.82 4.34 2.15
CA ASP B 210 -40.51 4.27 2.80
C ASP B 210 -39.89 2.86 2.63
N ILE B 211 -40.74 1.82 2.65
CA ILE B 211 -40.34 0.43 2.46
C ILE B 211 -39.78 0.25 1.05
N TYR B 212 -40.48 0.78 0.04
CA TYR B 212 -40.07 0.70 -1.36
C TYR B 212 -38.71 1.34 -1.58
N SER B 213 -38.52 2.54 -1.05
CA SER B 213 -37.28 3.30 -1.13
C SER B 213 -36.15 2.55 -0.44
N PHE B 214 -36.43 1.92 0.69
CA PHE B 214 -35.44 1.14 1.40
C PHE B 214 -35.02 -0.08 0.54
N GLY B 215 -35.94 -0.65 -0.26
CA GLY B 215 -35.66 -1.75 -1.18
C GLY B 215 -34.67 -1.30 -2.25
N VAL B 216 -34.75 -0.03 -2.70
CA VAL B 216 -33.79 0.53 -3.67
C VAL B 216 -32.41 0.65 -2.98
N VAL B 217 -32.37 1.13 -1.72
CA VAL B 217 -31.13 1.25 -0.92
C VAL B 217 -30.47 -0.15 -0.80
N LEU B 218 -31.25 -1.20 -0.54
CA LEU B 218 -30.72 -2.57 -0.44
C LEU B 218 -30.08 -3.01 -1.76
N LEU B 219 -30.62 -2.62 -2.93
CA LEU B 219 -29.98 -2.93 -4.22
C LEU B 219 -28.67 -2.16 -4.37
N GLU B 220 -28.62 -0.89 -3.90
CA GLU B 220 -27.36 -0.10 -3.95
C GLU B 220 -26.29 -0.79 -3.10
N ILE B 221 -26.68 -1.34 -1.95
CA ILE B 221 -25.77 -2.04 -1.04
C ILE B 221 -25.21 -3.30 -1.71
N ILE B 222 -26.09 -4.12 -2.34
CA ILE B 222 -25.67 -5.36 -2.99
C ILE B 222 -24.72 -5.10 -4.18
N THR B 223 -25.08 -4.14 -5.02
CA THR B 223 -24.43 -3.87 -6.28
C THR B 223 -23.34 -2.79 -6.23
N GLY B 224 -23.37 -1.88 -5.23
CA GLY B 224 -22.44 -0.74 -5.20
C GLY B 224 -22.78 0.30 -6.29
N LEU B 225 -23.91 0.16 -7.00
CA LEU B 225 -24.30 1.06 -8.09
C LEU B 225 -25.30 2.10 -7.55
N PRO B 226 -25.16 3.38 -7.91
CA PRO B 226 -26.16 4.37 -7.44
C PRO B 226 -27.56 4.14 -8.07
N ALA B 227 -28.64 4.55 -7.35
CA ALA B 227 -30.04 4.40 -7.83
C ALA B 227 -30.27 4.94 -9.23
N VAL B 228 -29.58 6.02 -9.62
CA VAL B 228 -29.62 6.59 -10.96
C VAL B 228 -28.20 6.95 -11.39
N ASP B 229 -27.87 6.63 -12.64
CA ASP B 229 -26.59 6.98 -13.25
C ASP B 229 -26.94 7.35 -14.67
N GLU B 230 -26.76 8.64 -15.03
CA GLU B 230 -27.08 9.11 -16.38
C GLU B 230 -26.26 8.42 -17.49
N HIS B 231 -25.00 8.01 -17.18
CA HIS B 231 -24.09 7.31 -18.11
C HIS B 231 -24.10 5.79 -17.86
N ARG B 232 -25.30 5.17 -17.78
CA ARG B 232 -25.46 3.73 -17.53
C ARG B 232 -26.69 3.15 -18.24
N GLU B 233 -26.74 1.82 -18.42
CA GLU B 233 -27.84 1.10 -19.03
C GLU B 233 -28.16 -0.15 -18.15
N PRO B 234 -29.33 -0.19 -17.45
CA PRO B 234 -30.38 0.83 -17.35
C PRO B 234 -29.87 1.99 -16.50
N GLN B 235 -30.33 3.22 -16.79
CA GLN B 235 -29.94 4.37 -15.99
C GLN B 235 -30.52 4.25 -14.56
N LEU B 236 -31.68 3.56 -14.39
CA LEU B 236 -32.34 3.36 -13.09
C LEU B 236 -32.10 1.96 -12.56
N LEU B 237 -31.55 1.85 -11.34
CA LEU B 237 -31.25 0.56 -10.70
C LEU B 237 -32.49 -0.31 -10.49
N LEU B 238 -33.67 0.32 -10.27
CA LEU B 238 -34.96 -0.37 -10.13
C LEU B 238 -35.22 -1.38 -11.25
N ASP B 239 -34.78 -1.04 -12.48
CA ASP B 239 -34.97 -1.88 -13.67
C ASP B 239 -34.25 -3.24 -13.62
N ILE B 240 -33.20 -3.42 -12.76
CA ILE B 240 -32.48 -4.70 -12.69
C ILE B 240 -33.39 -5.77 -12.09
N LYS B 241 -34.39 -5.38 -11.26
CA LYS B 241 -35.34 -6.32 -10.65
C LYS B 241 -36.12 -7.06 -11.74
N GLU B 242 -36.42 -6.34 -12.86
CA GLU B 242 -37.14 -6.91 -13.99
C GLU B 242 -36.20 -7.82 -14.78
N GLU B 243 -34.95 -7.36 -15.03
CA GLU B 243 -33.93 -8.15 -15.75
C GLU B 243 -33.68 -9.49 -15.06
N ILE B 244 -33.67 -9.51 -13.73
CA ILE B 244 -33.47 -10.73 -12.95
C ILE B 244 -34.75 -11.59 -12.96
N GLU B 245 -35.94 -10.98 -12.76
CA GLU B 245 -37.21 -11.72 -12.74
C GLU B 245 -37.56 -12.38 -14.08
N ASP B 246 -37.13 -11.78 -15.21
CA ASP B 246 -37.35 -12.37 -16.55
C ASP B 246 -36.28 -13.44 -16.88
N GLU B 247 -35.39 -13.81 -15.91
CA GLU B 247 -34.33 -14.80 -16.02
C GLU B 247 -33.32 -14.51 -17.14
N GLU B 248 -33.16 -13.21 -17.48
CA GLU B 248 -32.17 -12.79 -18.45
C GLU B 248 -30.80 -12.86 -17.73
N LYS B 249 -30.79 -12.38 -16.47
CA LYS B 249 -29.64 -12.36 -15.57
C LYS B 249 -30.08 -12.89 -14.18
N THR B 250 -29.14 -12.89 -13.23
CA THR B 250 -29.35 -13.30 -11.83
C THR B 250 -28.71 -12.23 -10.93
N ILE B 251 -29.04 -12.20 -9.62
CA ILE B 251 -28.46 -11.20 -8.70
C ILE B 251 -26.93 -11.38 -8.56
N GLU B 252 -26.43 -12.63 -8.73
CA GLU B 252 -24.98 -12.90 -8.72
C GLU B 252 -24.22 -12.14 -9.83
N ASP B 253 -24.88 -11.82 -10.96
CA ASP B 253 -24.26 -11.06 -12.05
C ASP B 253 -24.14 -9.56 -11.71
N TYR B 254 -24.87 -9.08 -10.68
CA TYR B 254 -24.88 -7.68 -10.27
C TYR B 254 -24.13 -7.40 -8.95
N ILE B 255 -23.66 -8.43 -8.22
CA ILE B 255 -22.97 -8.26 -6.94
C ILE B 255 -21.78 -7.34 -7.12
N ASP B 256 -21.61 -6.39 -6.20
CA ASP B 256 -20.50 -5.44 -6.24
C ASP B 256 -19.14 -6.23 -6.29
N LYS B 257 -18.33 -5.96 -7.33
CA LYS B 257 -17.03 -6.61 -7.50
C LYS B 257 -15.98 -6.07 -6.49
N LYS B 258 -16.30 -4.97 -5.78
CA LYS B 258 -15.41 -4.38 -4.79
C LYS B 258 -15.52 -5.03 -3.39
N MET B 259 -15.93 -6.31 -3.32
CA MET B 259 -16.04 -7.05 -2.06
C MET B 259 -15.31 -8.36 -2.26
N ASN B 260 -14.75 -8.93 -1.19
CA ASN B 260 -14.13 -10.25 -1.21
C ASN B 260 -14.85 -11.24 -0.27
N ASP B 261 -15.76 -10.75 0.62
CA ASP B 261 -16.41 -11.54 1.68
C ASP B 261 -17.91 -11.75 1.49
N ALA B 262 -18.44 -11.53 0.29
CA ALA B 262 -19.87 -11.72 0.06
C ALA B 262 -20.19 -13.15 -0.34
N ASP B 263 -20.99 -13.88 0.47
CA ASP B 263 -21.42 -15.24 0.08
C ASP B 263 -22.78 -15.11 -0.64
N SER B 264 -23.00 -15.92 -1.69
CA SER B 264 -24.23 -15.87 -2.47
C SER B 264 -25.52 -16.19 -1.69
N THR B 265 -25.43 -16.96 -0.60
CA THR B 265 -26.59 -17.28 0.22
C THR B 265 -27.14 -16.01 0.90
N SER B 266 -26.30 -15.25 1.66
CA SER B 266 -26.79 -14.03 2.34
C SER B 266 -27.09 -12.92 1.33
N VAL B 267 -26.37 -12.84 0.21
CA VAL B 267 -26.69 -11.86 -0.83
C VAL B 267 -28.09 -12.12 -1.37
N GLU B 268 -28.40 -13.40 -1.69
CA GLU B 268 -29.73 -13.78 -2.18
C GLU B 268 -30.79 -13.56 -1.11
N ALA B 269 -30.44 -13.72 0.17
CA ALA B 269 -31.37 -13.43 1.27
C ALA B 269 -31.63 -11.90 1.33
N MET B 270 -30.57 -11.04 1.15
CA MET B 270 -30.80 -9.58 1.14
C MET B 270 -31.59 -9.19 -0.12
N TYR B 271 -31.30 -9.84 -1.26
CA TYR B 271 -32.01 -9.56 -2.51
C TYR B 271 -33.49 -9.92 -2.39
N SER B 272 -33.81 -11.02 -1.71
CA SER B 272 -35.21 -11.44 -1.51
C SER B 272 -35.97 -10.33 -0.72
N VAL B 273 -35.34 -9.74 0.32
CA VAL B 273 -35.95 -8.64 1.10
C VAL B 273 -36.15 -7.46 0.16
N ALA B 274 -35.13 -7.09 -0.63
CA ALA B 274 -35.19 -5.97 -1.56
C ALA B 274 -36.34 -6.16 -2.58
N SER B 275 -36.43 -7.36 -3.18
CA SER B 275 -37.46 -7.72 -4.15
C SER B 275 -38.86 -7.55 -3.54
N GLN B 276 -39.08 -8.03 -2.32
CA GLN B 276 -40.37 -7.88 -1.61
C GLN B 276 -40.70 -6.41 -1.35
N CYS B 277 -39.69 -5.61 -0.94
CA CYS B 277 -39.85 -4.15 -0.69
C CYS B 277 -40.25 -3.44 -1.96
N LEU B 278 -39.74 -3.90 -3.11
CA LEU B 278 -39.99 -3.29 -4.41
C LEU B 278 -41.26 -3.77 -5.15
N HIS B 279 -42.22 -4.39 -4.43
CA HIS B 279 -43.49 -4.81 -5.04
C HIS B 279 -44.21 -3.53 -5.48
N GLU B 280 -44.63 -3.46 -6.75
CA GLU B 280 -45.31 -2.26 -7.28
C GLU B 280 -46.67 -1.96 -6.60
N LYS B 281 -47.33 -2.99 -6.04
CA LYS B 281 -48.57 -2.84 -5.28
C LYS B 281 -48.20 -2.58 -3.82
N LYS B 282 -48.42 -1.34 -3.33
CA LYS B 282 -48.10 -0.96 -1.96
C LYS B 282 -48.57 -1.91 -0.86
N ASN B 283 -49.75 -2.54 -1.03
CA ASN B 283 -50.30 -3.44 -0.02
C ASN B 283 -49.62 -4.81 0.04
N LYS B 284 -48.92 -5.20 -1.03
CA LYS B 284 -48.21 -6.48 -1.08
C LYS B 284 -46.79 -6.41 -0.46
N ARG B 285 -46.30 -5.19 -0.15
CA ARG B 285 -44.98 -5.03 0.47
C ARG B 285 -45.03 -5.41 1.93
N PRO B 286 -43.89 -5.86 2.48
CA PRO B 286 -43.82 -6.17 3.91
C PRO B 286 -43.79 -4.86 4.73
N ASP B 287 -44.19 -4.91 5.99
CA ASP B 287 -44.09 -3.73 6.85
C ASP B 287 -42.63 -3.70 7.35
N ILE B 288 -42.19 -2.56 7.90
CA ILE B 288 -40.79 -2.44 8.37
C ILE B 288 -40.37 -3.49 9.41
N LYS B 289 -41.30 -3.92 10.28
CA LYS B 289 -41.00 -4.93 11.32
C LYS B 289 -40.63 -6.26 10.66
N LYS B 290 -41.32 -6.62 9.57
CA LYS B 290 -41.01 -7.85 8.84
C LYS B 290 -39.65 -7.71 8.14
N VAL B 291 -39.37 -6.53 7.54
CA VAL B 291 -38.09 -6.27 6.86
C VAL B 291 -36.93 -6.44 7.86
N GLN B 292 -37.09 -5.82 9.04
CA GLN B 292 -36.15 -5.88 10.15
C GLN B 292 -35.93 -7.33 10.59
N GLN B 293 -37.01 -8.14 10.70
CA GLN B 293 -36.92 -9.57 11.06
C GLN B 293 -36.17 -10.36 10.00
N LEU B 294 -36.49 -10.13 8.73
CA LEU B 294 -35.81 -10.84 7.64
C LEU B 294 -34.31 -10.52 7.54
N LEU B 295 -33.92 -9.25 7.81
CA LEU B 295 -32.51 -8.85 7.78
C LEU B 295 -31.74 -9.45 8.95
N GLN B 296 -32.40 -9.69 10.10
CA GLN B 296 -31.76 -10.32 11.25
C GLN B 296 -31.49 -11.81 10.97
N GLU B 297 -32.45 -12.51 10.33
CA GLU B 297 -32.32 -13.94 9.96
C GLU B 297 -31.19 -14.18 8.97
N MET B 298 -30.92 -13.20 8.10
CA MET B 298 -29.86 -13.26 7.08
C MET B 298 -28.45 -13.44 7.70
N THR B 299 -28.19 -12.86 8.89
CA THR B 299 -26.90 -12.96 9.58
C THR B 299 -26.90 -14.01 10.72
N ALA B 300 -28.10 -14.51 11.14
CA ALA B 300 -28.23 -15.53 12.18
N ARG C 5 18.84 -18.13 -20.97
CA ARG C 5 19.34 -18.43 -19.62
C ARG C 5 18.20 -18.72 -18.60
N PHE C 6 17.02 -19.09 -19.09
CA PHE C 6 15.87 -19.39 -18.25
C PHE C 6 15.85 -20.86 -17.87
N HIS C 7 15.13 -21.20 -16.81
CA HIS C 7 15.03 -22.58 -16.33
C HIS C 7 14.01 -23.34 -17.18
N SER C 8 14.43 -24.46 -17.81
CA SER C 8 13.51 -25.25 -18.63
C SER C 8 12.80 -26.22 -17.68
N PHE C 9 11.61 -25.84 -17.25
CA PHE C 9 10.82 -26.66 -16.35
C PHE C 9 10.19 -27.79 -17.15
N SER C 10 10.01 -28.96 -16.53
CA SER C 10 9.31 -30.05 -17.20
C SER C 10 7.84 -29.72 -16.89
N PHE C 11 6.88 -30.20 -17.69
CA PHE C 11 5.47 -29.93 -17.42
C PHE C 11 5.04 -30.57 -16.09
N TYR C 12 5.75 -31.63 -15.67
CA TYR C 12 5.51 -32.35 -14.43
C TYR C 12 5.96 -31.52 -13.21
N GLU C 13 7.11 -30.82 -13.34
CA GLU C 13 7.61 -29.90 -12.30
C GLU C 13 6.54 -28.83 -12.04
N LEU C 14 6.02 -28.21 -13.13
CA LEU C 14 4.98 -27.15 -13.03
C LEU C 14 3.65 -27.68 -12.49
N LYS C 15 3.33 -28.96 -12.75
CA LYS C 15 2.14 -29.58 -12.15
C LYS C 15 2.33 -29.60 -10.62
N ASN C 16 3.54 -29.99 -10.18
CA ASN C 16 3.90 -30.04 -8.76
C ASN C 16 4.06 -28.65 -8.13
N VAL C 17 4.37 -27.62 -8.94
CA VAL C 17 4.51 -26.21 -8.48
C VAL C 17 3.15 -25.57 -8.12
N THR C 18 2.13 -25.85 -8.94
CA THR C 18 0.80 -25.23 -8.91
C THR C 18 -0.35 -26.05 -8.29
N ASN C 19 -0.04 -27.13 -7.52
CA ASN C 19 -1.06 -28.04 -6.97
C ASN C 19 -1.83 -28.68 -8.15
N ASN C 20 -1.08 -29.14 -9.17
CA ASN C 20 -1.61 -29.79 -10.37
C ASN C 20 -2.60 -28.87 -11.14
N PHE C 21 -2.29 -27.56 -11.20
CA PHE C 21 -3.11 -26.51 -11.83
C PHE C 21 -4.52 -26.46 -11.25
N ASP C 22 -4.61 -26.25 -9.93
CA ASP C 22 -5.89 -26.15 -9.22
C ASP C 22 -6.70 -24.92 -9.72
N GLU C 23 -8.03 -25.05 -9.84
CA GLU C 23 -8.93 -24.00 -10.39
C GLU C 23 -9.64 -23.09 -9.39
N ARG C 24 -9.68 -23.41 -8.08
CA ARG C 24 -10.43 -22.55 -7.14
C ARG C 24 -9.71 -21.20 -6.85
N PRO C 25 -10.44 -20.11 -6.50
CA PRO C 25 -9.81 -18.80 -6.26
C PRO C 25 -8.86 -18.72 -5.05
N ILE C 26 -7.95 -17.74 -5.09
CA ILE C 26 -7.00 -17.46 -4.01
C ILE C 26 -7.73 -16.84 -2.79
N SER C 27 -8.83 -16.09 -3.03
CA SER C 27 -9.63 -15.44 -1.98
C SER C 27 -10.30 -16.44 -1.00
N VAL C 28 -10.37 -17.74 -1.37
CA VAL C 28 -10.91 -18.81 -0.52
C VAL C 28 -9.89 -19.96 -0.43
N GLY C 29 -8.59 -19.64 -0.53
CA GLY C 29 -7.54 -20.66 -0.50
C GLY C 29 -7.53 -21.43 -1.83
N GLY C 30 -6.59 -21.14 -2.73
CA GLY C 30 -6.51 -21.82 -4.04
C GLY C 30 -5.31 -21.35 -4.87
N ASN C 31 -5.28 -21.71 -6.15
CA ASN C 31 -4.18 -21.34 -7.05
C ASN C 31 -4.57 -20.37 -8.18
N LYS C 32 -5.75 -20.56 -8.84
CA LYS C 32 -6.14 -19.72 -9.97
C LYS C 32 -6.36 -18.24 -9.58
N MET C 33 -5.66 -17.34 -10.29
CA MET C 33 -5.73 -15.89 -10.07
C MET C 33 -6.82 -15.24 -10.92
N GLY C 34 -6.86 -15.64 -12.17
CA GLY C 34 -7.81 -15.14 -13.14
C GLY C 34 -7.26 -15.37 -14.54
N GLU C 35 -8.02 -14.98 -15.55
CA GLU C 35 -7.55 -15.13 -16.92
C GLU C 35 -6.71 -13.89 -17.21
N GLY C 36 -5.53 -14.08 -17.82
CA GLY C 36 -4.63 -12.97 -18.07
C GLY C 36 -3.84 -13.12 -19.35
N GLY C 37 -4.45 -12.75 -20.49
CA GLY C 37 -3.80 -12.71 -21.79
C GLY C 37 -3.45 -14.05 -22.38
N PHE C 38 -4.18 -14.49 -23.43
CA PHE C 38 -3.91 -15.74 -24.18
C PHE C 38 -3.66 -16.98 -23.29
N GLY C 39 -4.25 -17.01 -22.09
CA GLY C 39 -3.99 -18.08 -21.14
C GLY C 39 -4.47 -17.73 -19.74
N VAL C 40 -4.49 -18.74 -18.86
CA VAL C 40 -4.95 -18.63 -17.47
C VAL C 40 -3.71 -18.65 -16.57
N VAL C 41 -3.73 -17.79 -15.55
CA VAL C 41 -2.60 -17.58 -14.65
C VAL C 41 -2.91 -18.22 -13.31
N TYR C 42 -1.96 -19.04 -12.82
CA TYR C 42 -2.04 -19.75 -11.55
C TYR C 42 -0.90 -19.33 -10.63
N LYS C 43 -1.20 -19.29 -9.34
CA LYS C 43 -0.21 -19.02 -8.32
C LYS C 43 0.58 -20.34 -8.06
N GLY C 44 1.89 -20.26 -7.81
CA GLY C 44 2.73 -21.44 -7.58
C GLY C 44 3.82 -21.12 -6.56
N TYR C 45 4.52 -22.15 -6.06
CA TYR C 45 5.59 -22.00 -5.08
C TYR C 45 6.78 -22.85 -5.48
N VAL C 46 7.93 -22.22 -5.74
CA VAL C 46 9.18 -22.91 -6.04
C VAL C 46 10.10 -22.54 -4.89
N ASN C 47 10.12 -23.42 -3.88
CA ASN C 47 10.81 -23.32 -2.59
C ASN C 47 10.04 -22.29 -1.79
N ASN C 48 10.64 -21.12 -1.49
CA ASN C 48 9.94 -20.08 -0.76
C ASN C 48 9.54 -18.96 -1.72
N THR C 49 9.84 -19.08 -3.03
CA THR C 49 9.56 -18.05 -4.01
C THR C 49 8.15 -18.26 -4.59
N THR C 50 7.27 -17.26 -4.44
CA THR C 50 5.93 -17.32 -5.04
C THR C 50 6.10 -16.99 -6.52
N VAL C 51 5.55 -17.83 -7.43
CA VAL C 51 5.65 -17.65 -8.88
C VAL C 51 4.25 -17.57 -9.51
N ALA C 52 4.18 -16.99 -10.72
CA ALA C 52 2.93 -16.93 -11.48
C ALA C 52 3.14 -17.84 -12.66
N VAL C 53 2.29 -18.85 -12.83
CA VAL C 53 2.42 -19.79 -13.94
C VAL C 53 1.30 -19.49 -14.92
N LYS C 54 1.66 -19.08 -16.16
CA LYS C 54 0.69 -18.79 -17.20
C LYS C 54 0.57 -20.01 -18.10
N LYS C 55 -0.57 -20.69 -18.05
CA LYS C 55 -0.85 -21.85 -18.89
C LYS C 55 -1.56 -21.34 -20.15
N LEU C 56 -0.88 -21.40 -21.31
CA LEU C 56 -1.45 -20.87 -22.55
C LEU C 56 -2.64 -21.71 -23.03
N ALA C 57 -3.81 -21.06 -23.24
CA ALA C 57 -5.06 -21.70 -23.70
C ALA C 57 -5.16 -21.54 -25.22
CA ILE C 62 -6.19 -17.95 -32.44
C ILE C 62 -5.99 -19.45 -32.63
N THR C 63 -5.07 -19.84 -33.53
CA THR C 63 -4.74 -21.25 -33.83
C THR C 63 -3.64 -21.77 -32.89
N THR C 64 -3.26 -23.07 -33.03
CA THR C 64 -2.21 -23.69 -32.23
C THR C 64 -0.82 -23.16 -32.64
N GLU C 65 -0.59 -22.94 -33.96
CA GLU C 65 0.69 -22.41 -34.48
C GLU C 65 0.87 -20.96 -34.02
N GLU C 66 -0.22 -20.18 -33.98
CA GLU C 66 -0.18 -18.78 -33.51
C GLU C 66 0.17 -18.72 -32.02
N LEU C 67 -0.48 -19.58 -31.22
CA LEU C 67 -0.26 -19.67 -29.77
C LEU C 67 1.20 -20.05 -29.44
N LYS C 68 1.86 -20.87 -30.29
CA LYS C 68 3.25 -21.25 -30.04
C LYS C 68 4.23 -20.14 -30.46
N GLN C 69 4.00 -19.47 -31.62
CA GLN C 69 4.88 -18.37 -32.06
C GLN C 69 4.88 -17.22 -31.04
N GLN C 70 3.74 -17.03 -30.34
CA GLN C 70 3.59 -16.05 -29.28
C GLN C 70 4.43 -16.45 -28.06
N PHE C 71 4.35 -17.75 -27.68
CA PHE C 71 5.12 -18.30 -26.57
C PHE C 71 6.63 -18.13 -26.83
N ASP C 72 7.08 -18.39 -28.07
CA ASP C 72 8.49 -18.25 -28.46
C ASP C 72 8.92 -16.80 -28.50
N GLN C 73 8.04 -15.91 -29.01
CA GLN C 73 8.33 -14.47 -29.07
C GLN C 73 8.48 -13.92 -27.65
N GLU C 74 7.51 -14.26 -26.78
CA GLU C 74 7.50 -13.88 -25.36
C GLU C 74 8.85 -14.23 -24.67
N ILE C 75 9.35 -15.48 -24.91
CA ILE C 75 10.63 -15.97 -24.36
C ILE C 75 11.80 -15.19 -25.00
N LYS C 76 11.71 -14.94 -26.30
CA LYS C 76 12.74 -14.22 -27.04
C LYS C 76 12.86 -12.75 -26.55
N VAL C 77 11.71 -12.06 -26.36
CA VAL C 77 11.71 -10.68 -25.89
C VAL C 77 12.25 -10.61 -24.45
N MET C 78 11.86 -11.55 -23.59
CA MET C 78 12.33 -11.58 -22.22
C MET C 78 13.83 -11.91 -22.10
N ALA C 79 14.39 -12.73 -23.02
CA ALA C 79 15.82 -13.04 -22.99
C ALA C 79 16.63 -11.78 -23.23
N LYS C 80 16.22 -10.95 -24.18
CA LYS C 80 16.97 -9.72 -24.42
C LYS C 80 16.51 -8.51 -23.60
N CYS C 81 15.25 -8.49 -23.08
CA CYS C 81 14.76 -7.35 -22.32
C CYS C 81 14.53 -7.62 -20.82
N GLN C 82 15.44 -7.10 -19.99
CA GLN C 82 15.38 -7.19 -18.53
C GLN C 82 15.43 -5.77 -17.99
N HIS C 83 14.43 -5.37 -17.18
CA HIS C 83 14.32 -4.00 -16.63
C HIS C 83 13.39 -4.07 -15.43
N GLU C 84 13.58 -3.19 -14.44
CA GLU C 84 12.69 -3.21 -13.27
C GLU C 84 11.21 -2.90 -13.59
N ASN C 85 10.89 -2.28 -14.77
CA ASN C 85 9.51 -2.02 -15.14
C ASN C 85 8.96 -2.97 -16.17
N LEU C 86 9.55 -4.17 -16.30
CA LEU C 86 9.02 -5.25 -17.13
C LEU C 86 8.87 -6.44 -16.20
N VAL C 87 7.83 -7.28 -16.37
CA VAL C 87 7.72 -8.48 -15.52
C VAL C 87 8.96 -9.38 -15.78
N GLU C 88 9.37 -10.14 -14.80
CA GLU C 88 10.51 -11.03 -14.96
C GLU C 88 10.05 -12.47 -15.22
N LEU C 89 10.42 -13.05 -16.39
CA LEU C 89 10.16 -14.46 -16.72
C LEU C 89 11.29 -15.28 -16.05
N LEU C 90 10.93 -16.31 -15.28
CA LEU C 90 11.90 -17.19 -14.61
C LEU C 90 12.21 -18.45 -15.47
N GLY C 91 11.18 -19.01 -16.14
CA GLY C 91 11.34 -20.22 -16.95
C GLY C 91 10.15 -20.51 -17.83
N PHE C 92 10.11 -21.72 -18.39
CA PHE C 92 9.06 -22.17 -19.30
C PHE C 92 9.03 -23.70 -19.37
N SER C 93 7.99 -24.25 -19.98
CA SER C 93 7.86 -25.71 -20.21
C SER C 93 7.15 -25.95 -21.54
N SER C 94 7.79 -26.77 -22.41
CA SER C 94 7.28 -27.15 -23.73
C SER C 94 7.14 -28.69 -23.91
N ASP C 95 7.77 -29.56 -23.07
CA ASP C 95 7.70 -31.03 -23.22
C ASP C 95 6.25 -31.59 -23.17
N GLY C 96 5.58 -31.58 -21.98
CA GLY C 96 4.16 -31.97 -21.86
C GLY C 96 3.47 -30.83 -22.59
N ASP C 97 2.18 -30.92 -22.99
CA ASP C 97 1.68 -29.82 -23.83
C ASP C 97 1.36 -28.47 -23.21
N ASP C 98 0.07 -28.09 -23.01
CA ASP C 98 -0.32 -26.74 -22.57
C ASP C 98 0.89 -25.91 -22.15
N LEU C 99 1.47 -25.19 -23.15
CA LEU C 99 2.68 -24.36 -23.05
C LEU C 99 2.59 -23.47 -21.80
N CYS C 100 3.66 -23.42 -20.99
CA CYS C 100 3.68 -22.67 -19.72
C CYS C 100 4.81 -21.68 -19.65
N LEU C 101 4.60 -20.59 -18.90
CA LEU C 101 5.60 -19.53 -18.71
C LEU C 101 5.57 -19.20 -17.25
N VAL C 102 6.76 -19.15 -16.62
CA VAL C 102 6.84 -18.93 -15.16
C VAL C 102 7.40 -17.55 -14.88
N TYR C 103 6.71 -16.78 -14.05
CA TYR C 103 7.16 -15.44 -13.73
C TYR C 103 7.28 -15.21 -12.25
N VAL C 104 7.98 -14.12 -11.90
CA VAL C 104 8.02 -13.63 -10.53
C VAL C 104 6.59 -13.14 -10.29
N TYR C 105 6.02 -13.51 -9.15
CA TYR C 105 4.66 -13.18 -8.76
C TYR C 105 4.52 -11.68 -8.41
N MET C 106 3.43 -11.08 -8.86
CA MET C 106 3.16 -9.65 -8.66
C MET C 106 1.98 -9.58 -7.72
N PRO C 107 2.24 -9.41 -6.40
CA PRO C 107 1.14 -9.46 -5.43
C PRO C 107 -0.01 -8.45 -5.57
N ASN C 108 0.14 -7.31 -6.30
CA ASN C 108 -0.93 -6.32 -6.43
C ASN C 108 -1.71 -6.38 -7.74
N GLY C 109 -1.59 -7.50 -8.49
CA GLY C 109 -2.34 -7.73 -9.72
C GLY C 109 -2.06 -6.68 -10.80
N SER C 110 -3.10 -6.34 -11.56
CA SER C 110 -3.02 -5.36 -12.64
C SER C 110 -3.49 -3.99 -12.24
N LEU C 111 -3.09 -2.98 -13.02
CA LEU C 111 -3.51 -1.61 -12.82
C LEU C 111 -5.02 -1.50 -13.06
N LEU C 112 -5.57 -2.26 -14.04
CA LEU C 112 -7.02 -2.25 -14.33
C LEU C 112 -7.81 -2.66 -13.06
N ASP C 113 -7.41 -3.75 -12.41
CA ASP C 113 -8.05 -4.24 -11.18
C ASP C 113 -7.93 -3.23 -10.04
N ARG C 114 -6.75 -2.61 -9.90
CA ARG C 114 -6.54 -1.61 -8.84
C ARG C 114 -7.31 -0.33 -9.06
N LEU C 115 -7.50 0.07 -10.35
CA LEU C 115 -8.31 1.25 -10.67
C LEU C 115 -9.80 0.98 -10.43
N SER C 116 -10.23 -0.26 -10.50
CA SER C 116 -11.65 -0.60 -10.27
C SER C 116 -11.89 -1.15 -8.84
N CYS C 117 -10.85 -1.16 -7.98
CA CYS C 117 -10.88 -1.63 -6.60
C CYS C 117 -11.43 -3.05 -6.52
N LEU C 118 -11.01 -3.90 -7.48
CA LEU C 118 -11.42 -5.29 -7.53
C LEU C 118 -11.10 -6.01 -6.21
N ASP C 119 -12.07 -6.80 -5.69
CA ASP C 119 -11.92 -7.58 -4.45
C ASP C 119 -11.78 -6.74 -3.18
N GLY C 120 -12.19 -5.47 -3.20
CA GLY C 120 -12.19 -4.62 -2.01
C GLY C 120 -10.89 -3.91 -1.71
N THR C 121 -9.94 -3.85 -2.67
CA THR C 121 -8.68 -3.14 -2.41
C THR C 121 -8.96 -1.62 -2.33
N PRO C 122 -8.18 -0.87 -1.54
CA PRO C 122 -8.43 0.58 -1.44
C PRO C 122 -8.08 1.31 -2.74
N PRO C 123 -8.77 2.43 -3.05
CA PRO C 123 -8.43 3.21 -4.25
C PRO C 123 -6.96 3.61 -4.27
N LEU C 124 -6.34 3.71 -5.46
CA LEU C 124 -4.94 4.14 -5.53
C LEU C 124 -4.94 5.65 -5.34
N SER C 125 -4.00 6.15 -4.56
CA SER C 125 -3.87 7.59 -4.35
C SER C 125 -3.27 8.20 -5.59
N TRP C 126 -3.41 9.53 -5.75
CA TRP C 126 -2.79 10.25 -6.85
C TRP C 126 -1.25 10.07 -6.83
N HIS C 127 -0.66 10.08 -5.61
CA HIS C 127 0.78 9.89 -5.45
C HIS C 127 1.23 8.55 -6.05
N MET C 128 0.51 7.45 -5.76
CA MET C 128 0.85 6.15 -6.35
C MET C 128 0.57 6.12 -7.86
N ARG C 129 -0.51 6.77 -8.30
CA ARG C 129 -0.83 6.83 -9.72
C ARG C 129 0.29 7.48 -10.54
N CYS C 130 0.88 8.57 -9.98
CA CYS C 130 1.99 9.28 -10.64
C CYS C 130 3.20 8.37 -10.77
N LYS C 131 3.53 7.64 -9.70
CA LYS C 131 4.64 6.70 -9.69
C LYS C 131 4.41 5.55 -10.69
N ILE C 132 3.17 5.03 -10.77
CA ILE C 132 2.83 3.94 -11.70
C ILE C 132 2.94 4.43 -13.16
N ALA C 133 2.47 5.65 -13.44
CA ALA C 133 2.53 6.23 -14.79
C ALA C 133 4.00 6.40 -15.22
N GLN C 134 4.86 6.87 -14.32
CA GLN C 134 6.29 7.04 -14.60
C GLN C 134 6.98 5.70 -14.82
N GLY C 135 6.69 4.72 -13.96
CA GLY C 135 7.24 3.37 -14.11
C GLY C 135 6.81 2.72 -15.41
N ALA C 136 5.52 2.79 -15.76
CA ALA C 136 5.06 2.21 -17.02
C ALA C 136 5.77 2.87 -18.25
N ALA C 137 5.95 4.21 -18.21
CA ALA C 137 6.65 4.96 -19.27
C ALA C 137 8.13 4.53 -19.36
N ASN C 138 8.80 4.24 -18.21
CA ASN C 138 10.18 3.76 -18.18
C ASN C 138 10.27 2.38 -18.82
N GLY C 139 9.26 1.51 -18.59
CA GLY C 139 9.23 0.18 -19.20
C GLY C 139 9.05 0.26 -20.73
N ILE C 140 8.11 1.12 -21.23
CA ILE C 140 7.89 1.28 -22.67
C ILE C 140 9.16 1.90 -23.33
N ASN C 141 9.83 2.85 -22.62
CA ASN C 141 11.06 3.47 -23.11
C ASN C 141 12.14 2.40 -23.34
N PHE C 142 12.28 1.49 -22.37
CA PHE C 142 13.24 0.40 -22.46
C PHE C 142 12.93 -0.48 -23.66
N LEU C 143 11.65 -0.80 -23.91
CA LEU C 143 11.28 -1.62 -25.08
C LEU C 143 11.61 -0.91 -26.39
N HIS C 144 11.27 0.40 -26.49
CA HIS C 144 11.52 1.19 -27.71
C HIS C 144 13.01 1.38 -27.95
N GLU C 145 13.80 1.68 -26.89
CA GLU C 145 15.26 1.78 -26.97
C GLU C 145 15.89 0.49 -27.51
N ASN C 146 15.28 -0.66 -27.25
CA ASN C 146 15.73 -1.97 -27.72
C ASN C 146 14.96 -2.41 -28.97
N HIS C 147 14.36 -1.45 -29.69
CA HIS C 147 13.68 -1.66 -30.95
C HIS C 147 12.55 -2.68 -30.94
N HIS C 148 11.73 -2.66 -29.88
CA HIS C 148 10.57 -3.53 -29.73
C HIS C 148 9.28 -2.71 -29.65
N ILE C 149 8.25 -3.17 -30.33
CA ILE C 149 6.93 -2.55 -30.33
C ILE C 149 6.07 -3.54 -29.54
N HIS C 150 5.46 -3.10 -28.42
CA HIS C 150 4.64 -3.97 -27.57
C HIS C 150 3.36 -4.43 -28.30
N ARG C 151 2.60 -3.48 -28.93
CA ARG C 151 1.33 -3.72 -29.67
C ARG C 151 0.10 -4.02 -28.79
N ASP C 152 0.22 -4.09 -27.46
CA ASP C 152 -0.96 -4.32 -26.62
C ASP C 152 -0.80 -3.64 -25.24
N ILE C 153 -0.42 -2.34 -25.26
CA ILE C 153 -0.30 -1.53 -24.06
C ILE C 153 -1.72 -1.26 -23.57
N LYS C 154 -2.01 -1.65 -22.33
CA LYS C 154 -3.30 -1.41 -21.70
C LYS C 154 -3.13 -1.63 -20.20
N SER C 155 -4.07 -1.14 -19.40
CA SER C 155 -3.97 -1.24 -17.94
C SER C 155 -4.02 -2.68 -17.40
N ALA C 156 -4.63 -3.62 -18.14
CA ALA C 156 -4.61 -5.05 -17.75
C ALA C 156 -3.19 -5.64 -17.93
N ASN C 157 -2.33 -5.04 -18.82
CA ASN C 157 -0.95 -5.47 -19.06
C ASN C 157 0.08 -4.64 -18.28
N ILE C 158 -0.39 -3.91 -17.26
CA ILE C 158 0.51 -3.19 -16.36
C ILE C 158 0.29 -3.85 -15.00
N LEU C 159 1.25 -4.70 -14.60
CA LEU C 159 1.17 -5.39 -13.31
C LEU C 159 1.85 -4.59 -12.21
N LEU C 160 1.49 -4.88 -10.95
CA LEU C 160 1.99 -4.15 -9.79
C LEU C 160 2.58 -5.06 -8.73
N ASP C 161 3.86 -4.80 -8.34
CA ASP C 161 4.50 -5.58 -7.27
C ASP C 161 4.04 -5.09 -5.86
N GLU C 162 4.65 -5.63 -4.80
CA GLU C 162 4.36 -5.26 -3.40
C GLU C 162 4.51 -3.71 -3.14
N ALA C 163 5.50 -3.01 -3.80
CA ALA C 163 5.67 -1.57 -3.63
C ALA C 163 4.85 -0.77 -4.69
N PHE C 164 3.95 -1.44 -5.45
CA PHE C 164 3.18 -0.83 -6.54
C PHE C 164 4.10 -0.27 -7.67
N THR C 165 5.24 -0.95 -7.93
CA THR C 165 6.11 -0.64 -9.05
C THR C 165 5.40 -1.20 -10.31
N ALA C 166 5.22 -0.37 -11.36
CA ALA C 166 4.58 -0.80 -12.61
C ALA C 166 5.47 -1.80 -13.33
N LYS C 167 4.89 -2.90 -13.83
CA LYS C 167 5.62 -3.93 -14.56
C LYS C 167 4.84 -4.25 -15.83
N ILE C 168 5.40 -3.90 -17.02
CA ILE C 168 4.75 -4.20 -18.30
C ILE C 168 4.82 -5.74 -18.49
N SER C 169 3.74 -6.32 -19.00
CA SER C 169 3.65 -7.76 -19.25
C SER C 169 3.06 -8.00 -20.63
N ASP C 170 2.98 -9.27 -21.05
CA ASP C 170 2.36 -9.74 -22.30
C ASP C 170 3.15 -9.27 -23.54
N PHE C 171 4.23 -9.98 -23.87
CA PHE C 171 5.09 -9.68 -25.02
C PHE C 171 4.89 -10.69 -26.18
N GLY C 172 3.80 -11.47 -26.16
CA GLY C 172 3.53 -12.47 -27.21
C GLY C 172 3.30 -11.85 -28.61
N LEU C 173 2.70 -10.63 -28.68
CA LEU C 173 2.46 -9.92 -29.94
C LEU C 173 3.53 -8.88 -30.24
N ALA C 174 4.59 -8.81 -29.44
CA ALA C 174 5.64 -7.82 -29.66
C ALA C 174 6.40 -8.05 -30.98
N ARG C 175 6.89 -6.95 -31.61
CA ARG C 175 7.63 -6.98 -32.87
C ARG C 175 8.87 -6.15 -32.79
N ALA C 176 9.97 -6.62 -33.42
CA ALA C 176 11.23 -5.87 -33.46
C ALA C 176 11.20 -4.83 -34.61
N SER C 177 11.99 -3.75 -34.51
CA SER C 177 12.07 -2.68 -35.53
C SER C 177 13.54 -2.20 -35.69
N GLU C 178 14.47 -3.16 -35.94
CA GLU C 178 15.89 -2.91 -36.11
N TPO C 183 7.76 2.10 -40.85
CA TPO C 183 6.37 1.65 -40.72
CB TPO C 183 5.30 2.75 -40.64
CG2 TPO C 183 3.93 2.18 -40.24
OG1 TPO C 183 5.70 3.70 -39.64
P TPO C 183 6.02 5.09 -40.24
O1P TPO C 183 7.49 5.13 -40.76
O2P TPO C 183 5.83 6.09 -39.10
O3P TPO C 183 5.12 5.51 -41.42
C TPO C 183 6.04 0.50 -41.66
O TPO C 183 6.08 0.65 -42.88
N VAL C 184 5.71 -0.65 -41.06
CA VAL C 184 5.39 -1.92 -41.71
C VAL C 184 3.87 -2.13 -41.63
N MET C 185 3.32 -2.99 -42.48
CA MET C 185 1.89 -3.35 -42.47
C MET C 185 1.73 -4.83 -42.17
N TPO C 186 0.55 -5.21 -41.68
CA TPO C 186 0.24 -6.60 -41.36
CB TPO C 186 0.48 -6.97 -39.85
CG2 TPO C 186 -0.48 -6.15 -38.97
OG1 TPO C 186 0.20 -8.39 -39.60
P TPO C 186 1.37 -9.40 -39.80
O1P TPO C 186 2.77 -8.80 -39.71
O2P TPO C 186 1.22 -10.48 -38.73
O3P TPO C 186 1.18 -10.03 -41.15
C TPO C 186 -1.18 -6.99 -41.80
O TPO C 186 -2.06 -6.13 -41.90
N SEP C 187 -1.38 -8.28 -42.05
CA SEP C 187 -2.69 -8.79 -42.46
CB SEP C 187 -2.58 -9.80 -43.60
OG SEP C 187 -1.46 -10.71 -43.41
C SEP C 187 -3.46 -9.28 -41.24
O SEP C 187 -4.68 -9.42 -41.30
P SEP C 187 -1.38 -11.71 -44.61
O1P SEP C 187 -0.77 -10.98 -45.84
O2P SEP C 187 -0.44 -12.84 -44.17
O3P SEP C 187 -2.81 -12.26 -44.95
N ARG C 188 -2.74 -9.52 -40.12
CA ARG C 188 -3.30 -9.97 -38.83
C ARG C 188 -3.34 -8.77 -37.82
N ILE C 189 -4.48 -8.06 -37.78
CA ILE C 189 -4.65 -6.91 -36.88
C ILE C 189 -4.93 -7.45 -35.48
N VAL C 190 -4.05 -7.13 -34.51
CA VAL C 190 -4.16 -7.60 -33.12
C VAL C 190 -4.05 -6.42 -32.15
N GLY C 191 -4.55 -6.63 -30.91
CA GLY C 191 -4.55 -5.64 -29.86
C GLY C 191 -5.95 -5.51 -29.29
N THR C 192 -6.17 -4.50 -28.45
CA THR C 192 -7.46 -4.25 -27.81
C THR C 192 -8.01 -2.95 -28.36
N THR C 193 -9.09 -3.05 -29.10
CA THR C 193 -9.76 -1.97 -29.83
C THR C 193 -9.82 -0.64 -29.11
N ALA C 194 -10.27 -0.63 -27.85
CA ALA C 194 -10.46 0.60 -27.07
C ALA C 194 -9.17 1.36 -26.77
N TYR C 195 -8.00 0.70 -26.88
CA TYR C 195 -6.68 1.29 -26.68
C TYR C 195 -5.92 1.53 -27.99
N MET C 196 -6.41 1.01 -29.12
CA MET C 196 -5.66 1.07 -30.37
C MET C 196 -5.69 2.40 -31.10
N ALA C 197 -4.52 2.81 -31.62
CA ALA C 197 -4.36 3.99 -32.47
C ALA C 197 -5.12 3.72 -33.78
N PRO C 198 -5.64 4.78 -34.45
CA PRO C 198 -6.34 4.57 -35.73
C PRO C 198 -5.48 3.81 -36.78
N GLU C 199 -4.18 4.11 -36.89
CA GLU C 199 -3.32 3.40 -37.85
C GLU C 199 -3.11 1.92 -37.51
N ALA C 200 -3.07 1.56 -36.19
CA ALA C 200 -2.94 0.16 -35.75
C ALA C 200 -4.21 -0.61 -36.11
N LEU C 201 -5.36 0.05 -36.08
CA LEU C 201 -6.63 -0.58 -36.46
C LEU C 201 -6.69 -0.83 -37.99
N ARG C 202 -5.82 -0.15 -38.77
CA ARG C 202 -5.72 -0.31 -40.21
C ARG C 202 -4.57 -1.25 -40.64
N GLY C 203 -3.87 -1.91 -39.68
CA GLY C 203 -2.80 -2.87 -40.01
C GLY C 203 -1.39 -2.33 -39.91
N GLU C 204 -1.17 -1.03 -39.68
CA GLU C 204 0.19 -0.52 -39.53
C GLU C 204 0.85 -0.99 -38.23
N ILE C 205 2.18 -1.14 -38.25
CA ILE C 205 2.99 -1.55 -37.11
C ILE C 205 4.05 -0.49 -36.91
N THR C 206 3.98 0.25 -35.79
CA THR C 206 4.92 1.33 -35.48
C THR C 206 4.94 1.57 -33.95
N PRO C 207 6.08 2.06 -33.40
CA PRO C 207 6.13 2.36 -31.96
C PRO C 207 5.17 3.52 -31.57
N LYS C 208 4.76 4.34 -32.56
CA LYS C 208 3.84 5.45 -32.33
C LYS C 208 2.46 4.97 -31.84
N SER C 209 2.08 3.74 -32.17
CA SER C 209 0.82 3.17 -31.71
C SER C 209 0.89 2.83 -30.20
N ASP C 210 2.10 2.48 -29.66
CA ASP C 210 2.28 2.22 -28.22
C ASP C 210 2.08 3.51 -27.41
N ILE C 211 2.51 4.65 -27.98
CA ILE C 211 2.37 5.97 -27.36
C ILE C 211 0.89 6.30 -27.22
N TYR C 212 0.12 6.09 -28.29
CA TYR C 212 -1.32 6.34 -28.31
C TYR C 212 -2.05 5.55 -27.24
N SER C 213 -1.79 4.23 -27.18
CA SER C 213 -2.32 3.28 -26.19
C SER C 213 -1.95 3.70 -24.77
N PHE C 214 -0.73 4.17 -24.58
CA PHE C 214 -0.30 4.66 -23.27
C PHE C 214 -1.10 5.93 -22.86
N GLY C 215 -1.49 6.78 -23.85
CA GLY C 215 -2.30 7.97 -23.62
C GLY C 215 -3.67 7.56 -23.11
N VAL C 216 -4.22 6.43 -23.60
CA VAL C 216 -5.51 5.90 -23.11
C VAL C 216 -5.33 5.42 -21.65
N VAL C 217 -4.23 4.74 -21.34
CA VAL C 217 -3.91 4.28 -19.98
C VAL C 217 -3.83 5.50 -19.03
N LEU C 218 -3.20 6.60 -19.46
CA LEU C 218 -3.11 7.82 -18.64
C LEU C 218 -4.49 8.38 -18.32
N LEU C 219 -5.46 8.31 -19.26
CA LEU C 219 -6.84 8.75 -19.00
C LEU C 219 -7.50 7.83 -17.98
N GLU C 220 -7.26 6.52 -18.05
CA GLU C 220 -7.79 5.53 -17.10
C GLU C 220 -7.28 5.87 -15.68
N ILE C 221 -6.01 6.26 -15.59
CA ILE C 221 -5.36 6.63 -14.32
C ILE C 221 -6.00 7.89 -13.74
N ILE C 222 -6.19 8.94 -14.56
CA ILE C 222 -6.79 10.21 -14.11
C ILE C 222 -8.24 10.03 -13.64
N THR C 223 -9.03 9.31 -14.42
CA THR C 223 -10.47 9.18 -14.25
C THR C 223 -10.92 7.95 -13.48
N GLY C 224 -10.10 6.88 -13.40
CA GLY C 224 -10.51 5.62 -12.77
C GLY C 224 -11.57 4.88 -13.62
N LEU C 225 -11.84 5.32 -14.88
CA LEU C 225 -12.83 4.70 -15.76
C LEU C 225 -12.14 3.74 -16.73
N PRO C 226 -12.69 2.56 -16.99
CA PRO C 226 -12.04 1.67 -18.00
C PRO C 226 -12.16 2.23 -19.46
N ALA C 227 -11.23 1.86 -20.36
CA ALA C 227 -11.17 2.33 -21.76
C ALA C 227 -12.48 2.12 -22.50
N VAL C 228 -13.15 1.02 -22.21
CA VAL C 228 -14.45 0.75 -22.78
C VAL C 228 -15.39 0.26 -21.66
N ASP C 229 -16.61 0.75 -21.67
CA ASP C 229 -17.66 0.33 -20.75
C ASP C 229 -18.93 0.32 -21.62
N GLU C 230 -19.49 -0.88 -21.85
CA GLU C 230 -20.69 -1.02 -22.67
C GLU C 230 -21.90 -0.26 -22.10
N HIS C 231 -22.00 -0.16 -20.76
CA HIS C 231 -23.09 0.54 -20.04
C HIS C 231 -22.66 1.96 -19.64
N ARG C 232 -22.08 2.75 -20.58
CA ARG C 232 -21.62 4.13 -20.33
C ARG C 232 -21.79 5.03 -21.55
N GLU C 233 -21.76 6.35 -21.36
CA GLU C 233 -21.85 7.35 -22.41
C GLU C 233 -20.78 8.43 -22.17
N PRO C 234 -19.72 8.53 -23.03
CA PRO C 234 -19.40 7.70 -24.18
C PRO C 234 -18.94 6.33 -23.72
N GLN C 235 -19.21 5.28 -24.50
CA GLN C 235 -18.74 3.93 -24.15
C GLN C 235 -17.20 3.87 -24.21
N LEU C 236 -16.55 4.70 -25.09
CA LEU C 236 -15.10 4.74 -25.25
C LEU C 236 -14.51 5.93 -24.55
N LEU C 237 -13.53 5.68 -23.65
CA LEU C 237 -12.87 6.74 -22.88
C LEU C 237 -12.16 7.77 -23.79
N LEU C 238 -11.61 7.32 -24.95
CA LEU C 238 -10.99 8.17 -26.00
C LEU C 238 -11.77 9.47 -26.22
N ASP C 239 -13.10 9.30 -26.34
CA ASP C 239 -14.05 10.37 -26.64
C ASP C 239 -14.06 11.55 -25.67
N ILE C 240 -13.65 11.37 -24.39
CA ILE C 240 -13.68 12.49 -23.44
C ILE C 240 -12.68 13.60 -23.86
N LYS C 241 -11.60 13.24 -24.57
CA LYS C 241 -10.64 14.22 -25.08
C LYS C 241 -11.34 15.24 -26.02
N GLU C 242 -12.32 14.77 -26.85
CA GLU C 242 -13.06 15.66 -27.76
C GLU C 242 -14.02 16.52 -26.94
N GLU C 243 -14.71 15.92 -25.95
CA GLU C 243 -15.63 16.65 -25.05
C GLU C 243 -14.91 17.78 -24.32
N ILE C 244 -13.66 17.55 -23.90
CA ILE C 244 -12.85 18.56 -23.22
C ILE C 244 -12.33 19.60 -24.22
N GLU C 245 -11.82 19.17 -25.39
CA GLU C 245 -11.29 20.09 -26.40
C GLU C 245 -12.35 21.04 -27.00
N ASP C 246 -13.62 20.60 -27.08
CA ASP C 246 -14.72 21.45 -27.55
C ASP C 246 -15.26 22.37 -26.42
N GLU C 247 -14.60 22.39 -25.23
CA GLU C 247 -14.95 23.21 -24.07
C GLU C 247 -16.36 22.95 -23.52
N GLU C 248 -16.88 21.74 -23.74
CA GLU C 248 -18.18 21.34 -23.21
C GLU C 248 -17.95 21.05 -21.72
N LYS C 249 -16.83 20.34 -21.44
CA LYS C 249 -16.38 19.98 -20.10
C LYS C 249 -14.87 20.31 -19.97
N THR C 250 -14.30 20.00 -18.81
CA THR C 250 -12.86 20.17 -18.51
C THR C 250 -12.35 18.86 -17.87
N ILE C 251 -11.00 18.69 -17.76
CA ILE C 251 -10.45 17.48 -17.15
C ILE C 251 -10.89 17.34 -15.70
N GLU C 252 -11.02 18.48 -14.99
CA GLU C 252 -11.45 18.50 -13.58
C GLU C 252 -12.82 17.83 -13.40
N ASP C 253 -13.68 17.84 -14.45
CA ASP C 253 -15.01 17.19 -14.41
C ASP C 253 -14.94 15.66 -14.55
N TYR C 254 -13.76 15.13 -14.91
CA TYR C 254 -13.56 13.69 -15.10
C TYR C 254 -12.61 13.06 -14.07
N ILE C 255 -11.93 13.87 -13.21
CA ILE C 255 -11.00 13.34 -12.21
C ILE C 255 -11.68 12.29 -11.35
N ASP C 256 -10.98 11.18 -11.11
CA ASP C 256 -11.50 10.10 -10.27
C ASP C 256 -11.89 10.67 -8.89
N LYS C 257 -13.14 10.49 -8.47
CA LYS C 257 -13.64 10.95 -7.18
C LYS C 257 -13.09 10.08 -6.03
N LYS C 258 -12.49 8.91 -6.34
CA LYS C 258 -11.94 8.00 -5.33
C LYS C 258 -10.51 8.39 -4.89
N MET C 259 -10.15 9.69 -4.95
CA MET C 259 -8.85 10.20 -4.52
C MET C 259 -9.11 11.41 -3.63
N ASN C 260 -8.24 11.68 -2.66
CA ASN C 260 -8.30 12.89 -1.82
C ASN C 260 -7.04 13.77 -2.00
N ASP C 261 -5.97 13.25 -2.65
CA ASP C 261 -4.65 13.92 -2.77
C ASP C 261 -4.31 14.39 -4.18
N ALA C 262 -5.28 14.49 -5.08
CA ALA C 262 -5.01 14.92 -6.45
C ALA C 262 -5.10 16.44 -6.56
N ASP C 263 -3.98 17.13 -6.86
CA ASP C 263 -4.03 18.58 -7.10
C ASP C 263 -4.28 18.80 -8.61
N SER C 264 -5.09 19.80 -8.97
CA SER C 264 -5.44 20.10 -10.36
C SER C 264 -4.25 20.45 -11.25
N THR C 265 -3.16 20.99 -10.69
CA THR C 265 -1.97 21.33 -11.47
C THR C 265 -1.31 20.06 -12.04
N SER C 266 -0.96 19.06 -11.18
CA SER C 266 -0.33 17.82 -11.69
C SER C 266 -1.32 16.97 -12.51
N VAL C 267 -2.61 16.98 -12.18
CA VAL C 267 -3.61 16.27 -13.00
C VAL C 267 -3.61 16.85 -14.42
N GLU C 268 -3.64 18.20 -14.52
CA GLU C 268 -3.64 18.88 -15.82
C GLU C 268 -2.32 18.62 -16.56
N ALA C 269 -1.21 18.49 -15.81
CA ALA C 269 0.08 18.16 -16.41
C ALA C 269 0.01 16.70 -16.95
N MET C 270 -0.60 15.72 -16.21
CA MET C 270 -0.72 14.36 -16.73
C MET C 270 -1.69 14.34 -17.92
N TYR C 271 -2.77 15.13 -17.85
CA TYR C 271 -3.75 15.21 -18.94
C TYR C 271 -3.12 15.77 -20.20
N SER C 272 -2.24 16.77 -20.08
CA SER C 272 -1.55 17.36 -21.23
C SER C 272 -0.70 16.28 -21.93
N VAL C 273 0.00 15.41 -21.16
CA VAL C 273 0.79 14.30 -21.74
C VAL C 273 -0.16 13.35 -22.46
N ALA C 274 -1.28 12.97 -21.81
CA ALA C 274 -2.28 12.06 -22.39
C ALA C 274 -2.83 12.62 -23.71
N SER C 275 -3.21 13.91 -23.72
CA SER C 275 -3.74 14.60 -24.89
C SER C 275 -2.74 14.56 -26.05
N GLN C 276 -1.46 14.83 -25.78
CA GLN C 276 -0.40 14.77 -26.80
C GLN C 276 -0.23 13.35 -27.36
N CYS C 277 -0.27 12.32 -26.47
CA CYS C 277 -0.18 10.91 -26.85
C CYS C 277 -1.32 10.51 -27.74
N LEU C 278 -2.51 11.08 -27.52
CA LEU C 278 -3.72 10.78 -28.27
C LEU C 278 -3.94 11.59 -29.56
N HIS C 279 -2.88 12.21 -30.11
CA HIS C 279 -2.99 12.94 -31.38
C HIS C 279 -3.33 11.90 -32.46
N GLU C 280 -4.39 12.13 -33.25
CA GLU C 280 -4.81 11.18 -34.29
C GLU C 280 -3.76 10.99 -35.42
N LYS C 281 -2.90 11.99 -35.64
CA LYS C 281 -1.81 11.91 -36.60
C LYS C 281 -0.59 11.33 -35.89
N LYS C 282 -0.20 10.09 -36.21
CA LYS C 282 0.94 9.41 -35.60
C LYS C 282 2.23 10.21 -35.50
N ASN C 283 2.53 11.04 -36.51
CA ASN C 283 3.76 11.83 -36.53
C ASN C 283 3.76 13.04 -35.61
N LYS C 284 2.58 13.49 -35.17
CA LYS C 284 2.45 14.63 -34.25
C LYS C 284 2.55 14.21 -32.77
N ARG C 285 2.56 12.88 -32.48
CA ARG C 285 2.69 12.39 -31.10
C ARG C 285 4.12 12.50 -30.63
N PRO C 286 4.32 12.65 -29.31
CA PRO C 286 5.69 12.68 -28.77
C PRO C 286 6.27 11.26 -28.79
N ASP C 287 7.59 11.14 -28.76
CA ASP C 287 8.22 9.82 -28.67
C ASP C 287 8.20 9.46 -27.17
N ILE C 288 8.43 8.19 -26.83
CA ILE C 288 8.39 7.76 -25.42
C ILE C 288 9.37 8.52 -24.49
N LYS C 289 10.55 8.92 -25.01
CA LYS C 289 11.53 9.66 -24.21
C LYS C 289 10.96 11.01 -23.78
N LYS C 290 10.20 11.67 -24.66
CA LYS C 290 9.58 12.94 -24.33
C LYS C 290 8.45 12.72 -23.30
N VAL C 291 7.66 11.64 -23.47
CA VAL C 291 6.57 11.29 -22.53
C VAL C 291 7.16 11.09 -21.12
N GLN C 292 8.24 10.31 -21.05
CA GLN C 292 8.98 10.00 -19.83
C GLN C 292 9.51 11.29 -19.18
N GLN C 293 10.05 12.22 -19.99
CA GLN C 293 10.55 13.52 -19.49
C GLN C 293 9.41 14.36 -18.94
N LEU C 294 8.29 14.43 -19.66
CA LEU C 294 7.13 15.20 -19.19
C LEU C 294 6.53 14.66 -17.90
N LEU C 295 6.48 13.32 -17.73
CA LEU C 295 5.95 12.72 -16.51
C LEU C 295 6.88 12.94 -15.32
N GLN C 296 8.20 13.06 -15.55
CA GLN C 296 9.14 13.35 -14.46
C GLN C 296 8.97 14.81 -13.99
N GLU C 297 8.79 15.77 -14.92
CA GLU C 297 8.59 17.20 -14.59
C GLU C 297 7.32 17.44 -13.78
N MET C 298 6.28 16.62 -14.01
CA MET C 298 5.00 16.68 -13.30
C MET C 298 5.15 16.51 -11.77
N THR C 299 6.09 15.68 -11.30
CA THR C 299 6.34 15.44 -9.87
C THR C 299 7.54 16.24 -9.32
N ALA C 300 8.40 16.82 -10.19
CA ALA C 300 9.55 17.63 -9.76
C ALA C 300 9.05 19.02 -9.31
N SER C 301 8.19 19.67 -10.13
CA SER C 301 7.61 20.98 -9.85
N ARG D 5 -24.43 -10.84 20.78
CA ARG D 5 -24.38 -10.27 19.42
C ARG D 5 -23.34 -10.96 18.50
N PHE D 6 -22.47 -11.87 19.02
CA PHE D 6 -21.45 -12.55 18.21
C PHE D 6 -21.85 -13.96 17.80
N HIS D 7 -21.22 -14.47 16.73
CA HIS D 7 -21.51 -15.82 16.22
C HIS D 7 -20.83 -16.91 17.08
N SER D 8 -21.62 -17.84 17.64
CA SER D 8 -21.05 -18.91 18.45
C SER D 8 -20.66 -20.08 17.53
N PHE D 9 -19.37 -20.30 17.30
CA PHE D 9 -18.89 -21.36 16.44
C PHE D 9 -18.69 -22.68 17.21
N SER D 10 -18.89 -23.81 16.51
CA SER D 10 -18.53 -25.11 17.06
C SER D 10 -17.05 -25.22 16.76
N PHE D 11 -16.29 -25.81 17.69
CA PHE D 11 -14.85 -25.96 17.58
C PHE D 11 -14.43 -26.71 16.32
N TYR D 12 -15.24 -27.71 15.86
CA TYR D 12 -14.91 -28.45 14.63
C TYR D 12 -14.91 -27.52 13.38
N GLU D 13 -15.80 -26.50 13.36
CA GLU D 13 -15.87 -25.57 12.23
C GLU D 13 -14.54 -24.83 12.09
N LEU D 14 -14.00 -24.35 13.22
CA LEU D 14 -12.74 -23.61 13.32
C LEU D 14 -11.53 -24.49 13.05
N LYS D 15 -11.62 -25.79 13.42
CA LYS D 15 -10.57 -26.78 13.15
C LYS D 15 -10.47 -27.01 11.64
N ASN D 16 -11.61 -27.12 10.93
CA ASN D 16 -11.58 -27.34 9.49
C ASN D 16 -11.06 -26.14 8.69
N VAL D 17 -11.58 -24.92 8.98
CA VAL D 17 -11.18 -23.72 8.22
C VAL D 17 -9.71 -23.27 8.37
N THR D 18 -8.98 -23.71 9.42
CA THR D 18 -7.56 -23.36 9.63
C THR D 18 -6.64 -24.61 9.46
N ASN D 19 -7.01 -25.54 8.54
CA ASN D 19 -6.29 -26.82 8.31
C ASN D 19 -5.90 -27.52 9.64
N ASN D 20 -6.90 -27.69 10.51
CA ASN D 20 -6.75 -28.33 11.82
C ASN D 20 -5.72 -27.63 12.74
N PHE D 21 -5.73 -26.28 12.72
CA PHE D 21 -4.83 -25.40 13.49
C PHE D 21 -3.36 -25.73 13.28
N ASP D 22 -2.89 -25.61 12.04
CA ASP D 22 -1.49 -25.89 11.74
C ASP D 22 -0.60 -24.83 12.44
N GLU D 23 0.12 -25.24 13.51
CA GLU D 23 0.96 -24.35 14.35
C GLU D 23 2.30 -23.89 13.73
N ARG D 24 2.66 -24.35 12.52
CA ARG D 24 3.90 -23.91 11.86
C ARG D 24 3.58 -22.55 11.18
N PRO D 25 4.58 -21.67 10.93
CA PRO D 25 4.28 -20.38 10.28
C PRO D 25 3.85 -20.51 8.79
N ILE D 26 3.13 -19.49 8.27
CA ILE D 26 2.66 -19.45 6.87
C ILE D 26 3.85 -19.52 5.90
N SER D 27 4.97 -18.86 6.25
CA SER D 27 6.19 -18.85 5.43
C SER D 27 6.80 -20.27 5.28
N VAL D 28 6.65 -21.13 6.32
CA VAL D 28 7.15 -22.52 6.26
C VAL D 28 6.02 -23.56 6.00
N GLY D 29 4.89 -23.13 5.40
CA GLY D 29 3.78 -24.03 5.01
C GLY D 29 2.59 -24.13 5.95
N GLY D 30 2.71 -23.76 7.23
CA GLY D 30 1.58 -23.86 8.15
C GLY D 30 0.53 -22.76 7.96
N ASN D 31 -0.37 -22.62 8.94
CA ASN D 31 -1.46 -21.62 8.93
C ASN D 31 -1.21 -20.52 9.94
N LYS D 32 -0.31 -20.74 10.94
CA LYS D 32 0.00 -19.73 11.94
C LYS D 32 0.51 -18.45 11.28
N MET D 33 0.04 -17.31 11.77
CA MET D 33 0.47 -16.00 11.30
C MET D 33 1.68 -15.63 12.14
N GLY D 34 1.53 -15.81 13.45
CA GLY D 34 2.54 -15.59 14.46
C GLY D 34 1.82 -15.86 15.76
N GLU D 35 2.34 -15.35 16.86
CA GLU D 35 1.73 -15.55 18.17
C GLU D 35 1.01 -14.27 18.55
N GLY D 36 -0.26 -14.39 18.98
CA GLY D 36 -1.07 -13.25 19.42
C GLY D 36 -0.65 -12.88 20.84
N GLY D 37 -1.59 -12.90 21.80
CA GLY D 37 -1.28 -12.61 23.20
C GLY D 37 -0.87 -13.93 23.82
N PHE D 38 -1.73 -14.49 24.69
CA PHE D 38 -1.53 -15.82 25.25
C PHE D 38 -2.36 -16.76 24.34
N GLY D 39 -1.97 -16.82 23.06
CA GLY D 39 -2.62 -17.66 22.07
C GLY D 39 -1.96 -17.51 20.70
N VAL D 40 -2.20 -18.48 19.84
CA VAL D 40 -1.66 -18.51 18.49
C VAL D 40 -2.77 -18.03 17.56
N VAL D 41 -2.39 -17.35 16.45
CA VAL D 41 -3.36 -16.82 15.48
C VAL D 41 -3.17 -17.52 14.15
N TYR D 42 -4.29 -17.90 13.50
CA TYR D 42 -4.24 -18.60 12.21
C TYR D 42 -5.16 -17.93 11.20
N LYS D 43 -4.79 -17.96 9.93
CA LYS D 43 -5.63 -17.47 8.85
C LYS D 43 -6.67 -18.56 8.55
N GLY D 44 -7.92 -18.16 8.31
CA GLY D 44 -9.00 -19.09 8.02
C GLY D 44 -9.93 -18.50 7.01
N TYR D 45 -10.82 -19.31 6.44
CA TYR D 45 -11.84 -18.88 5.48
C TYR D 45 -13.19 -19.42 5.89
N VAL D 46 -14.14 -18.52 6.23
CA VAL D 46 -15.49 -18.89 6.62
C VAL D 46 -16.37 -18.28 5.54
N ASN D 47 -16.81 -19.14 4.60
CA ASN D 47 -17.53 -18.79 3.39
C ASN D 47 -16.44 -18.21 2.47
N ASN D 48 -16.57 -16.92 2.17
CA ASN D 48 -15.65 -16.11 1.39
C ASN D 48 -15.00 -15.05 2.31
N THR D 49 -15.32 -15.03 3.61
CA THR D 49 -14.76 -14.08 4.56
C THR D 49 -13.43 -14.61 5.09
N THR D 50 -12.32 -13.86 4.90
CA THR D 50 -11.04 -14.24 5.48
C THR D 50 -11.09 -13.83 6.93
N VAL D 51 -10.63 -14.72 7.82
CA VAL D 51 -10.67 -14.45 9.25
C VAL D 51 -9.36 -14.77 9.93
N ALA D 52 -9.22 -14.22 11.14
CA ALA D 52 -8.08 -14.47 12.00
C ALA D 52 -8.67 -15.25 13.20
N VAL D 53 -8.22 -16.50 13.40
CA VAL D 53 -8.73 -17.34 14.51
C VAL D 53 -7.67 -17.37 15.56
N LYS D 54 -7.96 -16.84 16.76
CA LYS D 54 -7.00 -16.86 17.84
C LYS D 54 -7.34 -18.03 18.76
N LYS D 55 -6.49 -19.08 18.76
CA LYS D 55 -6.65 -20.22 19.65
C LYS D 55 -5.85 -19.92 20.92
N LEU D 56 -6.51 -19.82 22.08
CA LEU D 56 -5.84 -19.46 23.33
C LEU D 56 -4.96 -20.61 23.86
N ALA D 57 -3.84 -20.25 24.52
CA ALA D 57 -2.89 -21.18 25.13
C ALA D 57 -2.87 -20.95 26.63
N THR D 63 -1.88 -20.51 32.76
CA THR D 63 -2.88 -21.00 33.72
C THR D 63 -4.23 -21.17 32.99
N THR D 64 -4.90 -22.33 33.19
CA THR D 64 -6.16 -22.63 32.51
C THR D 64 -7.35 -21.78 32.99
N GLU D 65 -7.52 -21.60 34.32
CA GLU D 65 -8.65 -20.80 34.85
C GLU D 65 -8.48 -19.31 34.60
N GLU D 66 -7.22 -18.82 34.51
CA GLU D 66 -6.96 -17.39 34.26
C GLU D 66 -7.23 -17.06 32.80
N LEU D 67 -6.71 -17.88 31.87
CA LEU D 67 -6.91 -17.68 30.44
C LEU D 67 -8.39 -17.73 30.03
N LYS D 68 -9.22 -18.49 30.76
CA LYS D 68 -10.66 -18.57 30.49
C LYS D 68 -11.34 -17.28 30.89
N GLN D 69 -11.08 -16.76 32.09
CA GLN D 69 -11.70 -15.50 32.51
C GLN D 69 -11.16 -14.27 31.71
N GLN D 70 -10.00 -14.43 31.04
CA GLN D 70 -9.39 -13.44 30.14
C GLN D 70 -10.17 -13.45 28.80
N PHE D 71 -10.60 -14.64 28.35
CA PHE D 71 -11.40 -14.85 27.14
C PHE D 71 -12.77 -14.15 27.28
N ASP D 72 -13.37 -14.20 28.47
CA ASP D 72 -14.65 -13.54 28.75
C ASP D 72 -14.51 -12.02 28.77
N GLN D 73 -13.38 -11.51 29.29
CA GLN D 73 -13.13 -10.06 29.35
C GLN D 73 -13.10 -9.51 27.92
N GLU D 74 -12.38 -10.21 27.07
CA GLU D 74 -12.23 -9.82 25.67
C GLU D 74 -13.54 -9.89 24.87
N ILE D 75 -14.46 -10.81 25.24
CA ILE D 75 -15.81 -10.88 24.63
C ILE D 75 -16.65 -9.71 25.18
N LYS D 76 -16.50 -9.40 26.48
CA LYS D 76 -17.24 -8.34 27.15
C LYS D 76 -16.79 -6.94 26.71
N VAL D 77 -15.45 -6.68 26.55
CA VAL D 77 -14.96 -5.37 26.09
C VAL D 77 -15.42 -5.18 24.65
N MET D 78 -15.34 -6.26 23.82
CA MET D 78 -15.76 -6.25 22.41
C MET D 78 -17.25 -6.05 22.21
N ALA D 79 -18.06 -6.60 23.10
CA ALA D 79 -19.50 -6.43 23.05
C ALA D 79 -19.86 -4.97 23.28
N LYS D 80 -19.20 -4.32 24.25
CA LYS D 80 -19.44 -2.94 24.64
C LYS D 80 -18.71 -1.88 23.76
N CYS D 81 -17.51 -2.21 23.24
CA CYS D 81 -16.67 -1.27 22.49
C CYS D 81 -16.53 -1.60 21.01
N GLN D 82 -17.21 -0.84 20.16
CA GLN D 82 -17.14 -0.96 18.70
C GLN D 82 -16.73 0.39 18.16
N HIS D 83 -15.64 0.43 17.38
CA HIS D 83 -15.09 1.68 16.83
C HIS D 83 -14.22 1.34 15.65
N GLU D 84 -14.14 2.22 14.64
CA GLU D 84 -13.31 1.93 13.47
C GLU D 84 -11.81 1.73 13.77
N ASN D 85 -11.30 2.20 14.95
CA ASN D 85 -9.92 1.99 15.32
C ASN D 85 -9.73 0.91 16.36
N LEU D 86 -10.68 -0.04 16.48
CA LEU D 86 -10.54 -1.24 17.32
C LEU D 86 -10.80 -2.42 16.40
N VAL D 87 -10.09 -3.56 16.58
CA VAL D 87 -10.37 -4.75 15.75
C VAL D 87 -11.81 -5.21 15.99
N GLU D 88 -12.41 -5.84 15.00
CA GLU D 88 -13.77 -6.34 15.15
C GLU D 88 -13.78 -7.86 15.42
N LEU D 89 -14.40 -8.25 16.54
CA LEU D 89 -14.61 -9.66 16.88
C LEU D 89 -15.86 -10.16 16.12
N LEU D 90 -15.74 -11.26 15.35
CA LEU D 90 -16.88 -11.84 14.61
C LEU D 90 -17.59 -12.90 15.43
N GLY D 91 -16.81 -13.79 16.04
CA GLY D 91 -17.34 -14.89 16.83
C GLY D 91 -16.32 -15.52 17.75
N PHE D 92 -16.72 -16.64 18.35
CA PHE D 92 -15.90 -17.40 19.30
C PHE D 92 -16.35 -18.87 19.35
N SER D 93 -15.58 -19.70 20.08
CA SER D 93 -15.87 -21.11 20.30
C SER D 93 -15.37 -21.53 21.69
N SER D 94 -16.26 -22.18 22.48
CA SER D 94 -15.98 -22.66 23.84
C SER D 94 -16.00 -24.21 23.90
N ASP D 95 -17.09 -24.81 23.37
CA ASP D 95 -17.39 -26.26 23.30
C ASP D 95 -16.23 -27.26 23.14
N GLY D 96 -15.14 -26.91 22.42
CA GLY D 96 -13.99 -27.81 22.23
C GLY D 96 -13.00 -27.78 23.40
N ASP D 97 -11.75 -28.22 23.13
CA ASP D 97 -10.69 -28.24 24.15
C ASP D 97 -10.16 -26.82 24.38
N ASP D 98 -9.62 -26.22 23.30
CA ASP D 98 -9.06 -24.87 23.35
C ASP D 98 -10.14 -23.83 23.08
N LEU D 99 -10.00 -22.66 23.71
CA LEU D 99 -10.89 -21.52 23.51
C LEU D 99 -10.43 -20.75 22.27
N CYS D 100 -11.39 -20.38 21.37
CA CYS D 100 -11.07 -19.66 20.14
C CYS D 100 -11.79 -18.32 20.06
N LEU D 101 -11.14 -17.31 19.43
CA LEU D 101 -11.76 -16.00 19.16
C LEU D 101 -11.54 -15.73 17.69
N VAL D 102 -12.62 -15.35 16.98
CA VAL D 102 -12.57 -15.14 15.52
C VAL D 102 -12.75 -13.64 15.25
N TYR D 103 -11.89 -13.07 14.40
CA TYR D 103 -11.92 -11.65 14.07
C TYR D 103 -11.94 -11.42 12.59
N VAL D 104 -12.26 -10.17 12.22
CA VAL D 104 -12.14 -9.76 10.82
C VAL D 104 -10.61 -9.75 10.58
N TYR D 105 -10.17 -10.33 9.48
CA TYR D 105 -8.76 -10.42 9.11
C TYR D 105 -8.23 -9.02 8.70
N MET D 106 -7.04 -8.66 9.20
CA MET D 106 -6.35 -7.40 8.99
C MET D 106 -5.17 -7.70 8.06
N PRO D 107 -5.36 -7.57 6.72
CA PRO D 107 -4.32 -7.95 5.76
C PRO D 107 -2.93 -7.34 5.89
N ASN D 108 -2.76 -6.17 6.56
CA ASN D 108 -1.44 -5.58 6.73
C ASN D 108 -0.77 -5.90 8.06
N GLY D 109 -1.30 -6.90 8.79
CA GLY D 109 -0.69 -7.37 10.02
C GLY D 109 -0.57 -6.30 11.09
N SER D 110 0.57 -6.27 11.81
CA SER D 110 0.78 -5.32 12.86
C SER D 110 1.71 -4.20 12.44
N LEU D 111 1.67 -3.13 13.21
CA LEU D 111 2.52 -1.98 13.00
C LEU D 111 3.98 -2.38 13.25
N LEU D 112 4.25 -3.26 14.24
CA LEU D 112 5.61 -3.74 14.53
C LEU D 112 6.23 -4.40 13.27
N ASP D 113 5.48 -5.30 12.63
CA ASP D 113 5.92 -5.98 11.41
C ASP D 113 6.15 -4.99 10.26
N ARG D 114 5.25 -4.00 10.12
CA ARG D 114 5.36 -3.03 9.04
C ARG D 114 6.53 -2.08 9.25
N LEU D 115 6.84 -1.75 10.52
CA LEU D 115 8.00 -0.90 10.82
C LEU D 115 9.32 -1.66 10.59
N SER D 116 9.31 -2.97 10.69
CA SER D 116 10.53 -3.75 10.46
C SER D 116 10.58 -4.34 9.03
N CYS D 117 9.58 -4.02 8.17
CA CYS D 117 9.45 -4.50 6.80
C CYS D 117 9.50 -6.02 6.74
N LEU D 118 8.83 -6.67 7.73
CA LEU D 118 8.77 -8.14 7.80
C LEU D 118 8.23 -8.73 6.49
N ASP D 119 8.89 -9.79 5.99
CA ASP D 119 8.51 -10.50 4.76
C ASP D 119 8.68 -9.69 3.47
N GLY D 120 9.48 -8.60 3.50
CA GLY D 120 9.74 -7.82 2.30
C GLY D 120 8.76 -6.74 1.97
N THR D 121 7.87 -6.34 2.91
CA THR D 121 6.90 -5.29 2.62
C THR D 121 7.63 -3.96 2.51
N PRO D 122 7.14 -3.00 1.70
CA PRO D 122 7.83 -1.71 1.58
C PRO D 122 7.74 -0.88 2.86
N PRO D 123 8.75 -0.04 3.15
CA PRO D 123 8.70 0.82 4.36
C PRO D 123 7.46 1.69 4.37
N LEU D 124 6.94 2.00 5.57
CA LEU D 124 5.76 2.89 5.66
C LEU D 124 6.26 4.31 5.45
N SER D 125 5.55 5.08 4.66
CA SER D 125 5.90 6.47 4.44
C SER D 125 5.55 7.27 5.70
N TRP D 126 6.12 8.48 5.84
CA TRP D 126 5.77 9.37 6.95
C TRP D 126 4.29 9.71 6.94
N HIS D 127 3.71 9.90 5.73
CA HIS D 127 2.29 10.19 5.56
C HIS D 127 1.42 9.09 6.18
N MET D 128 1.72 7.82 5.88
CA MET D 128 0.96 6.72 6.47
C MET D 128 1.22 6.60 7.99
N ARG D 129 2.47 6.77 8.43
CA ARG D 129 2.82 6.73 9.86
C ARG D 129 2.01 7.77 10.67
N CYS D 130 1.81 9.02 10.12
CA CYS D 130 0.99 10.06 10.75
C CYS D 130 -0.44 9.62 10.89
N LYS D 131 -0.99 9.02 9.84
CA LYS D 131 -2.37 8.49 9.85
C LYS D 131 -2.55 7.31 10.84
N ILE D 132 -1.56 6.46 10.91
CA ILE D 132 -1.61 5.33 11.85
C ILE D 132 -1.54 5.83 13.31
N ALA D 133 -0.67 6.82 13.59
CA ALA D 133 -0.54 7.40 14.93
C ALA D 133 -1.87 8.05 15.36
N GLN D 134 -2.51 8.79 14.45
CA GLN D 134 -3.80 9.44 14.73
C GLN D 134 -4.89 8.42 14.95
N GLY D 135 -4.97 7.37 14.10
CA GLY D 135 -5.94 6.30 14.25
C GLY D 135 -5.76 5.54 15.55
N ALA D 136 -4.52 5.19 15.91
CA ALA D 136 -4.29 4.48 17.17
C ALA D 136 -4.71 5.35 18.40
N ALA D 137 -4.44 6.67 18.35
CA ALA D 137 -4.84 7.63 19.39
C ALA D 137 -6.38 7.74 19.49
N ASN D 138 -7.09 7.67 18.33
CA ASN D 138 -8.57 7.68 18.31
C ASN D 138 -9.13 6.42 18.95
N GLY D 139 -8.49 5.25 18.73
CA GLY D 139 -8.90 3.99 19.35
C GLY D 139 -8.71 4.03 20.88
N ILE D 140 -7.54 4.52 21.37
CA ILE D 140 -7.27 4.60 22.82
C ILE D 140 -8.26 5.61 23.45
N ASN D 141 -8.55 6.73 22.75
CA ASN D 141 -9.50 7.74 23.23
C ASN D 141 -10.87 7.11 23.45
N PHE D 142 -11.33 6.29 22.48
CA PHE D 142 -12.60 5.58 22.59
C PHE D 142 -12.61 4.66 23.80
N LEU D 143 -11.52 3.93 24.05
CA LEU D 143 -11.46 3.04 25.22
C LEU D 143 -11.51 3.84 26.53
N HIS D 144 -10.75 4.94 26.62
CA HIS D 144 -10.70 5.79 27.82
C HIS D 144 -12.05 6.49 28.07
N GLU D 145 -12.68 7.02 27.01
CA GLU D 145 -14.02 7.61 27.08
C GLU D 145 -15.06 6.63 27.63
N ASN D 146 -14.88 5.31 27.37
CA ASN D 146 -15.75 4.24 27.85
C ASN D 146 -15.18 3.58 29.11
N HIS D 147 -14.28 4.29 29.83
CA HIS D 147 -13.70 3.87 31.10
C HIS D 147 -12.99 2.53 31.09
N HIS D 148 -12.22 2.25 30.03
CA HIS D 148 -11.44 1.02 29.89
C HIS D 148 -9.96 1.35 29.80
N ILE D 149 -9.13 0.56 30.47
CA ILE D 149 -7.69 0.69 30.47
C ILE D 149 -7.22 -0.54 29.68
N HIS D 150 -6.49 -0.35 28.57
CA HIS D 150 -6.01 -1.45 27.74
C HIS D 150 -4.97 -2.31 28.48
N ARG D 151 -3.93 -1.67 29.07
CA ARG D 151 -2.83 -2.34 29.81
C ARG D 151 -1.75 -3.03 28.94
N ASP D 152 -1.88 -3.03 27.61
CA ASP D 152 -0.84 -3.66 26.79
C ASP D 152 -0.74 -2.96 25.41
N ILE D 153 -0.67 -1.61 25.42
CA ILE D 153 -0.50 -0.81 24.23
C ILE D 153 0.93 -1.02 23.74
N LYS D 154 1.06 -1.50 22.51
CA LYS D 154 2.37 -1.71 21.86
C LYS D 154 2.12 -1.85 20.37
N SER D 155 3.15 -1.71 19.55
CA SER D 155 2.98 -1.77 18.10
C SER D 155 2.57 -3.14 17.57
N ALA D 156 2.85 -4.24 18.31
CA ALA D 156 2.36 -5.56 17.93
C ALA D 156 0.82 -5.64 18.12
N ASN D 157 0.22 -4.78 19.00
CA ASN D 157 -1.23 -4.73 19.25
C ASN D 157 -1.92 -3.61 18.49
N ILE D 158 -1.26 -3.03 17.48
CA ILE D 158 -1.89 -2.04 16.59
C ILE D 158 -1.89 -2.74 15.24
N LEU D 159 -3.03 -3.28 14.81
CA LEU D 159 -3.16 -3.97 13.53
C LEU D 159 -3.55 -3.01 12.45
N LEU D 160 -3.30 -3.41 11.21
CA LEU D 160 -3.49 -2.56 10.05
C LEU D 160 -4.36 -3.24 9.02
N ASP D 161 -5.48 -2.62 8.65
CA ASP D 161 -6.36 -3.16 7.62
C ASP D 161 -5.79 -2.82 6.21
N GLU D 162 -6.54 -3.21 5.16
CA GLU D 162 -6.20 -2.99 3.74
C GLU D 162 -5.86 -1.52 3.37
N ALA D 163 -6.49 -0.52 4.05
CA ALA D 163 -6.18 0.90 3.86
C ALA D 163 -5.15 1.41 4.91
N PHE D 164 -4.51 0.52 5.68
CA PHE D 164 -3.56 0.86 6.75
C PHE D 164 -4.22 1.70 7.87
N THR D 165 -5.50 1.39 8.16
CA THR D 165 -6.25 2.04 9.27
C THR D 165 -5.79 1.32 10.53
N ALA D 166 -5.32 2.07 11.56
CA ALA D 166 -4.87 1.46 12.79
C ALA D 166 -6.06 0.82 13.52
N LYS D 167 -5.88 -0.41 14.01
CA LYS D 167 -6.91 -1.14 14.75
C LYS D 167 -6.27 -1.69 16.04
N ILE D 168 -6.68 -1.16 17.21
CA ILE D 168 -6.17 -1.64 18.50
C ILE D 168 -6.74 -3.08 18.70
N SER D 169 -5.92 -3.98 19.21
CA SER D 169 -6.32 -5.37 19.48
C SER D 169 -5.85 -5.77 20.86
N ASP D 170 -6.20 -7.00 21.30
CA ASP D 170 -5.78 -7.61 22.56
C ASP D 170 -6.39 -6.90 23.77
N PHE D 171 -7.66 -7.23 24.08
CA PHE D 171 -8.40 -6.65 25.23
C PHE D 171 -8.59 -7.68 26.37
N GLY D 172 -7.84 -8.80 26.36
CA GLY D 172 -7.93 -9.82 27.41
C GLY D 172 -7.50 -9.30 28.80
N LEU D 173 -6.52 -8.37 28.86
CA LEU D 173 -6.02 -7.78 30.11
C LEU D 173 -6.67 -6.43 30.42
N ALA D 174 -7.66 -6.01 29.62
CA ALA D 174 -8.30 -4.71 29.84
C ALA D 174 -9.08 -4.65 31.15
N ARG D 175 -9.16 -3.46 31.76
CA ARG D 175 -9.87 -3.24 33.03
C ARG D 175 -10.75 -2.01 32.95
N ALA D 176 -11.93 -2.07 33.58
CA ALA D 176 -12.85 -0.92 33.63
C ALA D 176 -12.45 0.04 34.78
N SER D 177 -12.83 1.34 34.67
CA SER D 177 -12.53 2.37 35.68
C SER D 177 -13.71 3.34 35.84
N TPO D 183 -6.86 5.32 40.98
CA TPO D 183 -5.70 4.42 40.84
CB TPO D 183 -4.31 5.08 40.75
CG2 TPO D 183 -3.22 4.07 40.36
OG1 TPO D 183 -4.36 6.11 39.77
P TPO D 183 -4.19 7.53 40.39
O1P TPO D 183 -3.67 8.41 39.23
O2P TPO D 183 -3.19 7.60 41.55
O3P TPO D 183 -5.54 8.07 40.90
C TPO D 183 -5.79 3.22 41.78
O TPO D 183 -5.76 3.37 43.00
N VAL D 184 -5.87 2.03 41.18
CA VAL D 184 -6.01 0.73 41.83
C VAL D 184 -4.66 -0.01 41.74
N MET D 185 -4.44 -1.01 42.59
CA MET D 185 -3.23 -1.82 42.58
C MET D 185 -3.58 -3.28 42.28
N TPO D 186 -2.60 -4.04 41.79
CA TPO D 186 -2.79 -5.45 41.47
CB TPO D 186 -3.14 -5.71 39.96
CG2 TPO D 186 -1.96 -5.27 39.07
OG1 TPO D 186 -3.35 -7.15 39.71
P TPO D 186 -4.80 -7.70 39.93
O1P TPO D 186 -5.03 -8.77 38.84
O2P TPO D 186 -4.84 -8.35 41.32
O3P TPO D 186 -5.92 -6.64 39.83
C TPO D 186 -1.59 -6.30 41.91
O TPO D 186 -0.47 -5.80 41.98
N SEP D 187 -1.83 -7.58 42.18
CA SEP D 187 -0.76 -8.50 42.57
CB SEP D 187 -1.18 -9.47 43.68
OG SEP D 187 -2.54 -9.93 43.50
C SEP D 187 -0.20 -9.22 41.35
O SEP D 187 0.91 -9.77 41.42
P SEP D 187 -2.92 -10.90 44.68
O1P SEP D 187 -1.83 -12.00 44.82
O2P SEP D 187 -4.26 -11.57 44.27
O3P SEP D 187 -3.06 -10.07 45.99
N ARG D 188 -0.95 -9.21 40.24
CA ARG D 188 -0.58 -9.83 38.97
C ARG D 188 -0.16 -8.72 37.97
N ILE D 189 1.16 -8.44 37.88
CA ILE D 189 1.71 -7.43 36.98
C ILE D 189 1.78 -8.04 35.59
N VAL D 190 1.08 -7.43 34.63
CA VAL D 190 1.01 -7.88 33.24
C VAL D 190 1.31 -6.74 32.26
N GLY D 191 1.73 -7.10 31.04
CA GLY D 191 2.08 -6.17 29.97
C GLY D 191 3.44 -6.52 29.41
N THR D 192 4.00 -5.63 28.58
CA THR D 192 5.30 -5.84 27.93
C THR D 192 6.26 -4.80 28.48
N THR D 193 7.26 -5.28 29.21
CA THR D 193 8.25 -4.48 29.94
C THR D 193 8.76 -3.24 29.23
N ALA D 194 9.20 -3.41 27.97
CA ALA D 194 9.80 -2.31 27.17
C ALA D 194 8.85 -1.15 26.87
N TYR D 195 7.52 -1.37 27.00
CA TYR D 195 6.49 -0.35 26.80
C TYR D 195 5.86 0.13 28.12
N MET D 196 6.13 -0.54 29.23
CA MET D 196 5.43 -0.23 30.49
C MET D 196 5.90 1.01 31.21
N ALA D 197 4.93 1.79 31.72
CA ALA D 197 5.18 2.94 32.59
C ALA D 197 5.81 2.43 33.90
N PRO D 198 6.65 3.24 34.57
CA PRO D 198 7.24 2.80 35.85
C PRO D 198 6.17 2.36 36.90
N GLU D 199 5.05 3.09 37.01
CA GLU D 199 4.00 2.72 37.97
C GLU D 199 3.29 1.40 37.61
N ALA D 200 3.13 1.09 36.30
CA ALA D 200 2.52 -0.17 35.86
C ALA D 200 3.45 -1.34 36.21
N LEU D 201 4.76 -1.11 36.17
CA LEU D 201 5.73 -2.15 36.56
C LEU D 201 5.70 -2.41 38.08
N ARG D 202 5.12 -1.48 38.87
CA ARG D 202 4.95 -1.60 40.30
C ARG D 202 3.55 -2.08 40.73
N GLY D 203 2.67 -2.46 39.76
CA GLY D 203 1.34 -2.99 40.10
C GLY D 203 0.20 -2.00 40.01
N GLU D 204 0.45 -0.70 39.76
CA GLU D 204 -0.65 0.26 39.63
C GLU D 204 -1.43 0.04 38.33
N ILE D 205 -2.74 0.35 38.36
CA ILE D 205 -3.64 0.25 37.22
C ILE D 205 -4.26 1.62 37.03
N THR D 206 -3.94 2.29 35.91
CA THR D 206 -4.44 3.62 35.60
C THR D 206 -4.39 3.88 34.08
N PRO D 207 -5.29 4.72 33.52
CA PRO D 207 -5.24 5.02 32.07
C PRO D 207 -3.94 5.78 31.71
N LYS D 208 -3.27 6.42 32.68
CA LYS D 208 -2.02 7.15 32.45
C LYS D 208 -0.89 6.22 31.97
N SER D 209 -0.95 4.92 32.30
CA SER D 209 0.03 3.96 31.84
C SER D 209 -0.15 3.67 30.32
N ASP D 210 -1.39 3.76 29.80
CA ASP D 210 -1.66 3.57 28.36
C ASP D 210 -1.03 4.72 27.55
N ILE D 211 -1.04 5.94 28.11
CA ILE D 211 -0.45 7.13 27.49
C ILE D 211 1.06 6.94 27.35
N TYR D 212 1.71 6.47 28.42
CA TYR D 212 3.15 6.23 28.44
C TYR D 212 3.57 5.23 27.37
N SER D 213 2.87 4.08 27.33
CA SER D 213 3.05 3.00 26.36
C SER D 213 2.84 3.52 24.92
N PHE D 214 1.87 4.40 24.71
CA PHE D 214 1.63 4.99 23.40
C PHE D 214 2.81 5.93 23.00
N GLY D 215 3.46 6.60 23.98
CA GLY D 215 4.63 7.43 23.76
C GLY D 215 5.79 6.59 23.25
N VAL D 216 5.93 5.33 23.74
CA VAL D 216 6.96 4.40 23.25
C VAL D 216 6.63 4.02 21.79
N VAL D 217 5.34 3.74 21.47
CA VAL D 217 4.89 3.41 20.12
C VAL D 217 5.23 4.59 19.16
N LEU D 218 5.02 5.84 19.59
CA LEU D 218 5.34 7.01 18.77
C LEU D 218 6.84 7.08 18.44
N LEU D 219 7.74 6.66 19.39
CA LEU D 219 9.17 6.62 19.11
C LEU D 219 9.48 5.53 18.08
N GLU D 220 8.79 4.36 18.18
CA GLU D 220 9.04 3.31 17.20
C GLU D 220 8.63 3.80 15.80
N ILE D 221 7.53 4.58 15.71
CA ILE D 221 7.04 5.15 14.45
C ILE D 221 8.07 6.10 13.84
N ILE D 222 8.62 7.03 14.66
CA ILE D 222 9.61 8.00 14.21
C ILE D 222 10.91 7.35 13.73
N THR D 223 11.40 6.40 14.53
CA THR D 223 12.72 5.78 14.34
C THR D 223 12.73 4.50 13.57
N GLY D 224 11.59 3.78 13.47
CA GLY D 224 11.57 2.45 12.87
C GLY D 224 12.33 1.39 13.72
N LEU D 225 12.71 1.71 14.97
CA LEU D 225 13.44 0.79 15.86
C LEU D 225 12.46 0.14 16.84
N PRO D 226 12.57 -1.17 17.11
CA PRO D 226 11.66 -1.79 18.11
C PRO D 226 11.95 -1.29 19.57
N ALA D 227 10.93 -1.35 20.45
CA ALA D 227 11.02 -0.91 21.84
C ALA D 227 12.20 -1.54 22.60
N VAL D 228 12.48 -2.81 22.30
CA VAL D 228 13.61 -3.51 22.86
C VAL D 228 14.31 -4.30 21.74
N ASP D 229 15.64 -4.25 21.76
CA ASP D 229 16.48 -5.01 20.84
C ASP D 229 17.66 -5.46 21.70
N GLU D 230 17.78 -6.79 21.92
CA GLU D 230 18.85 -7.33 22.75
C GLU D 230 20.26 -7.05 22.18
N HIS D 231 20.40 -6.96 20.84
CA HIS D 231 21.67 -6.67 20.14
C HIS D 231 21.77 -5.18 19.75
N ARG D 232 21.48 -4.25 20.68
CA ARG D 232 21.51 -2.80 20.41
C ARG D 232 21.97 -2.02 21.65
N GLU D 233 22.41 -0.76 21.45
CA GLU D 233 22.85 0.14 22.50
C GLU D 233 22.20 1.51 22.26
N PRO D 234 21.24 1.97 23.10
CA PRO D 234 20.66 1.29 24.27
C PRO D 234 19.74 0.17 23.81
N GLN D 235 19.64 -0.91 24.58
CA GLN D 235 18.73 -2.01 24.23
C GLN D 235 17.26 -1.53 24.29
N LEU D 236 16.94 -0.55 25.18
CA LEU D 236 15.60 -0.01 25.34
C LEU D 236 15.45 1.32 24.66
N LEU D 237 14.43 1.40 23.75
CA LEU D 237 14.15 2.60 22.98
C LEU D 237 13.89 3.82 23.85
N LEU D 238 13.26 3.61 25.03
CA LEU D 238 12.95 4.65 26.06
C LEU D 238 14.13 5.52 26.42
N ASP D 239 15.34 4.92 26.44
CA ASP D 239 16.59 5.60 26.80
C ASP D 239 17.01 6.70 25.82
N ILE D 240 16.50 6.71 24.54
CA ILE D 240 16.87 7.77 23.58
C ILE D 240 16.29 9.13 23.99
N LYS D 241 15.19 9.15 24.78
CA LYS D 241 14.60 10.41 25.27
C LYS D 241 15.62 11.13 26.18
N GLU D 242 16.41 10.35 26.94
CA GLU D 242 17.42 10.91 27.85
C GLU D 242 18.61 11.41 27.02
N GLU D 243 19.05 10.61 26.02
CA GLU D 243 20.16 10.99 25.12
C GLU D 243 19.88 12.32 24.40
N ILE D 244 18.61 12.53 23.98
CA ILE D 244 18.19 13.75 23.31
C ILE D 244 18.06 14.90 24.32
N GLU D 245 17.44 14.65 25.49
CA GLU D 245 17.25 15.70 26.52
C GLU D 245 18.58 16.23 27.11
N ASP D 246 19.62 15.38 27.18
CA ASP D 246 20.95 15.80 27.65
C ASP D 246 21.77 16.50 26.53
N GLU D 247 21.15 16.75 25.34
CA GLU D 247 21.75 17.40 24.17
C GLU D 247 22.99 16.68 23.62
N GLU D 248 23.07 15.37 23.85
CA GLU D 248 24.16 14.55 23.31
C GLU D 248 23.84 14.36 21.81
N LYS D 249 22.55 14.09 21.52
CA LYS D 249 22.00 13.90 20.18
C LYS D 249 20.69 14.74 20.06
N THR D 250 20.04 14.63 18.90
CA THR D 250 18.76 15.27 18.59
C THR D 250 17.84 14.23 17.97
N ILE D 251 16.57 14.54 17.94
CA ILE D 251 15.57 13.67 17.35
C ILE D 251 15.91 13.33 15.87
N GLU D 252 16.40 14.34 15.10
CA GLU D 252 16.80 14.20 13.70
C GLU D 252 17.88 13.11 13.48
N ASP D 253 18.71 12.83 14.49
CA ASP D 253 19.73 11.77 14.40
C ASP D 253 19.11 10.36 14.49
N TYR D 254 17.86 10.25 14.97
CA TYR D 254 17.18 8.97 15.16
C TYR D 254 16.05 8.71 14.13
N ILE D 255 15.68 9.69 13.29
CA ILE D 255 14.61 9.53 12.28
C ILE D 255 14.89 8.33 11.41
N ASP D 256 13.87 7.51 11.19
CA ASP D 256 13.96 6.32 10.34
C ASP D 256 14.49 6.74 8.93
N LYS D 257 15.59 6.14 8.48
CA LYS D 257 16.19 6.43 7.16
C LYS D 257 15.35 5.81 6.03
N LYS D 258 14.40 4.91 6.36
CA LYS D 258 13.57 4.23 5.38
C LYS D 258 12.34 5.05 4.95
N MET D 259 12.44 6.35 4.85
CA MET D 259 11.38 7.19 4.32
C MET D 259 12.00 8.40 3.63
N ASN D 260 11.33 8.91 2.62
CA ASN D 260 11.77 10.06 1.80
C ASN D 260 10.87 11.30 2.01
N ASP D 261 9.72 11.15 2.68
CA ASP D 261 8.71 12.22 2.84
C ASP D 261 8.57 12.75 4.26
N ALA D 262 9.55 12.51 5.14
CA ALA D 262 9.47 13.00 6.51
C ALA D 262 10.06 14.40 6.63
N ASP D 263 9.25 15.43 6.95
CA ASP D 263 9.81 16.77 7.18
C ASP D 263 10.13 16.90 8.69
N SER D 264 11.23 17.57 9.03
CA SER D 264 11.67 17.73 10.42
C SER D 264 10.67 18.48 11.32
N THR D 265 9.84 19.35 10.77
CA THR D 265 8.84 20.08 11.56
C THR D 265 7.81 19.12 12.13
N SER D 266 7.19 18.31 11.26
CA SER D 266 6.23 17.26 11.61
C SER D 266 6.85 16.24 12.57
N VAL D 267 8.05 15.75 12.25
CA VAL D 267 8.73 14.76 13.07
C VAL D 267 8.98 15.27 14.50
N GLU D 268 9.39 16.56 14.62
CA GLU D 268 9.60 17.20 15.92
C GLU D 268 8.27 17.42 16.65
N ALA D 269 7.19 17.66 15.90
CA ALA D 269 5.87 17.78 16.51
C ALA D 269 5.43 16.41 17.05
N MET D 270 5.67 15.29 16.32
CA MET D 270 5.31 13.95 16.84
C MET D 270 6.22 13.62 18.03
N TYR D 271 7.52 13.99 17.96
CA TYR D 271 8.46 13.73 19.05
C TYR D 271 8.05 14.48 20.33
N SER D 272 7.57 15.72 20.19
CA SER D 272 7.12 16.51 21.34
C SER D 272 5.96 15.78 22.05
N VAL D 273 5.00 15.19 21.28
CA VAL D 273 3.89 14.42 21.85
C VAL D 273 4.46 13.21 22.58
N ALA D 274 5.39 12.49 21.91
CA ALA D 274 6.01 11.29 22.48
C ALA D 274 6.70 11.62 23.81
N SER D 275 7.51 12.69 23.84
CA SER D 275 8.25 13.17 25.02
C SER D 275 7.28 13.47 26.18
N GLN D 276 6.19 14.17 25.92
CA GLN D 276 5.17 14.47 26.94
C GLN D 276 4.52 13.19 27.48
N CYS D 277 4.22 12.21 26.60
CA CYS D 277 3.63 10.90 26.98
C CYS D 277 4.57 10.14 27.89
N LEU D 278 5.89 10.29 27.66
CA LEU D 278 6.92 9.57 28.41
C LEU D 278 7.40 10.25 29.71
N HIS D 279 6.62 11.21 30.26
CA HIS D 279 6.96 11.85 31.54
C HIS D 279 6.92 10.75 32.62
N GLU D 280 7.98 10.60 33.41
CA GLU D 280 8.06 9.55 34.44
C GLU D 280 7.01 9.73 35.56
N LYS D 281 6.54 10.97 35.80
CA LYS D 281 5.48 11.26 36.75
C LYS D 281 4.14 11.14 36.03
N LYS D 282 3.36 10.10 36.35
CA LYS D 282 2.06 9.85 35.73
C LYS D 282 1.11 11.05 35.62
N ASN D 283 1.10 11.93 36.64
CA ASN D 283 0.21 13.10 36.67
C ASN D 283 0.63 14.23 35.73
N LYS D 284 1.90 14.24 35.31
CA LYS D 284 2.41 15.27 34.39
C LYS D 284 2.17 14.91 32.91
N ARG D 285 1.72 13.68 32.61
CA ARG D 285 1.43 13.27 31.23
C ARG D 285 0.12 13.86 30.76
N PRO D 286 -0.01 14.05 29.43
CA PRO D 286 -1.27 14.55 28.89
C PRO D 286 -2.31 13.42 28.89
N ASP D 287 -3.60 13.76 28.88
CA ASP D 287 -4.64 12.73 28.78
C ASP D 287 -4.74 12.38 27.26
N ILE D 288 -5.39 11.27 26.93
CA ILE D 288 -5.51 10.85 25.52
C ILE D 288 -6.17 11.91 24.60
N LYS D 289 -7.15 12.69 25.11
CA LYS D 289 -7.81 13.72 24.31
C LYS D 289 -6.81 14.79 23.88
N LYS D 290 -5.88 15.16 24.77
CA LYS D 290 -4.85 16.14 24.44
C LYS D 290 -3.87 15.53 23.41
N VAL D 291 -3.49 14.25 23.58
CA VAL D 291 -2.58 13.56 22.65
C VAL D 291 -3.21 13.57 21.24
N GLN D 292 -4.49 13.19 21.17
CA GLN D 292 -5.29 13.15 19.95
C GLN D 292 -5.34 14.55 19.30
N GLN D 293 -5.55 15.62 20.11
CA GLN D 293 -5.57 17.01 19.60
C GLN D 293 -4.20 17.40 19.05
N LEU D 294 -3.12 17.09 19.78
CA LEU D 294 -1.77 17.43 19.32
C LEU D 294 -1.38 16.71 18.02
N LEU D 295 -1.81 15.43 17.84
CA LEU D 295 -1.51 14.68 16.62
C LEU D 295 -2.32 15.21 15.43
N GLN D 296 -3.50 15.79 15.66
CA GLN D 296 -4.30 16.38 14.59
C GLN D 296 -3.64 17.69 14.10
N GLU D 297 -3.13 18.52 15.03
CA GLU D 297 -2.46 19.80 14.70
C GLU D 297 -1.18 19.58 13.89
N MET D 298 -0.50 18.45 14.11
CA MET D 298 0.73 18.07 13.41
C MET D 298 0.53 17.96 11.88
N THR D 299 -0.65 17.50 11.41
CA THR D 299 -0.97 17.37 9.99
C THR D 299 -1.82 18.53 9.43
N ALA D 300 -2.43 19.38 10.30
CA ALA D 300 -3.24 20.52 9.89
N01 76P E . 25.26 6.38 -10.72
C02 76P E . 24.43 6.65 -9.73
N03 76P E . 24.72 6.88 -8.45
C04 76P E . 26.04 6.91 -8.12
C05 76P E . 27.06 6.60 -9.08
C06 76P E . 26.59 6.32 -10.38
C07 76P E . 28.44 6.52 -8.82
C08 76P E . 29.28 6.18 -9.85
C09 76P E . 28.85 5.90 -11.13
C10 76P E . 27.51 5.96 -11.39
O11 76P E . 26.47 7.19 -6.87
N12 76P E . 30.71 6.07 -9.56
C13 76P E . 25.51 7.32 -5.78
C14 76P E . 25.19 5.93 -5.27
C15 76P E . 24.29 6.01 -4.04
C16 76P E . 24.96 6.85 -2.96
C17 76P E . 25.35 8.25 -3.47
C18 76P E . 26.21 8.15 -4.72
N19 76P E . 24.00 6.97 -1.75
C20 76P E . 24.70 7.23 -0.48
C21 76P E . 22.80 7.80 -1.88
O22 76P E . 31.39 5.34 -10.27
O23 76P E . 31.15 6.66 -8.58
N01 76P F . -22.23 14.68 9.66
C02 76P F . -21.39 14.61 8.64
N03 76P F . -21.64 14.83 7.36
C04 76P F . -22.91 15.20 7.04
C05 76P F . -23.94 15.31 8.03
C06 76P F . -23.52 15.02 9.36
C07 76P F . -25.28 15.67 7.82
C08 76P F . -26.14 15.69 8.87
C09 76P F . -25.77 15.38 10.15
C10 76P F . -24.47 15.04 10.40
O11 76P F . -23.30 15.47 5.79
N12 76P F . -27.54 16.02 8.61
C13 76P F . -22.38 15.15 4.71
C14 76P F . -22.48 13.67 4.39
C15 76P F . -21.60 13.34 3.19
C16 76P F . -21.99 14.22 1.99
C17 76P F . -21.94 15.72 2.33
C18 76P F . -22.82 16.00 3.54
N19 76P F . -21.08 13.88 0.77
C20 76P F . -21.66 14.20 -0.53
C21 76P F . -19.68 14.28 0.85
O22 76P F . -28.40 15.57 9.37
O23 76P F . -27.80 16.71 7.63
N01 76P G . 1.64 -11.99 -11.13
C02 76P G . 0.42 -11.90 -10.67
N03 76P G . -0.73 -11.92 -11.35
C04 76P G . -0.62 -12.08 -12.72
C05 76P G . 0.63 -12.17 -13.36
C06 76P G . 1.76 -12.06 -12.49
C07 76P G . 0.85 -12.30 -14.73
C08 76P G . 2.12 -12.33 -15.21
C09 76P G . 3.24 -12.28 -14.38
C10 76P G . 3.05 -12.09 -13.05
O11 76P G . -1.71 -12.15 -13.53
N12 76P G . 2.33 -12.43 -16.64
C13 76P G . -3.00 -11.76 -12.97
C14 76P G . -3.16 -10.26 -12.95
C15 76P G . -4.55 -9.88 -12.45
C16 76P G . -5.62 -10.57 -13.30
C17 76P G . -5.42 -12.08 -13.36
C18 76P G . -4.03 -12.41 -13.86
N19 76P G . -7.02 -10.17 -12.78
C20 76P G . -8.01 -10.30 -13.86
C21 76P G . -7.48 -10.84 -11.56
O22 76P G . 3.44 -12.18 -17.09
O23 76P G . 1.35 -12.69 -17.34
N01 76P H . -5.85 -10.13 11.75
C02 76P H . -4.66 -10.44 11.26
N03 76P H . -3.55 -10.78 11.91
C04 76P H . -3.67 -10.88 13.30
C05 76P H . -4.91 -10.58 13.97
C06 76P H . -5.97 -10.18 13.12
C07 76P H . -5.13 -10.60 15.36
C08 76P H . -6.35 -10.22 15.84
C09 76P H . -7.41 -9.86 15.03
C10 76P H . -7.22 -9.84 13.68
O11 76P H . -2.65 -11.22 14.09
N12 76P H . -6.56 -10.22 17.29
C13 76P H . -1.34 -11.34 13.48
C14 76P H . -0.73 -9.98 13.32
C15 76P H . 0.71 -10.08 12.79
C16 76P H . 1.54 -10.95 13.72
C17 76P H . 0.91 -12.34 13.92
C18 76P H . -0.53 -12.20 14.43
N19 76P H . 3.00 -11.04 13.22
C20 76P H . 3.94 -11.41 14.27
C21 76P H . 3.23 -11.82 12.01
O22 76P H . -7.46 -9.56 17.73
O23 76P H . -5.78 -10.87 17.99
#